data_3D51
#
_entry.id   3D51
#
_cell.length_a   68.739
_cell.length_b   109.118
_cell.length_c   137.694
_cell.angle_alpha   90.000
_cell.angle_beta   90.000
_cell.angle_gamma   90.000
#
_symmetry.space_group_name_H-M   'P 21 21 21'
#
loop_
_entity.id
_entity.type
_entity.pdbx_description
1 polymer 'Alpha-mannosidase 2'
2 non-polymer 'ZINC ION'
3 non-polymer (4R)-2-METHYLPENTANE-2,4-DIOL
4 non-polymer (2S,3S,4R,5R)-6-(HYDROXYAMINO)-2-(HYDROXYMETHYL)-2,3,4,5-TETRAHYDROPYRIDINE-3,4,5-TRIOL
5 water water
#
_entity_poly.entity_id   1
_entity_poly.type   'polypeptide(L)'
_entity_poly.pdbx_seq_one_letter_code
;RSSHHHHHHGEFDDPIRPPLKVARSPRPGQCQDVVQDVPNVDVQMLELYDRMSFKDIDGGVWKQGWNIKYDPLKYNAHHK
LKVFVVPHSHNDPGWIQTFEEYYQHDTKHILSNALRHLHDNPEMKFIWAEISYFARFYHDLGENKKLQMKSIVKNGQLEF
VTGGWVMPDEANSHWRNVLLQLTEGQTWLKQFMNVTPTASWAIDPFGHSPTMPYILQKSGFKNMLIQRTHYSVKKELAQQ
RQLEFLWRQIWDNKGDTALFTHMMPFYSYDIPHTCGPDPKVCCQFDFKRMGSFGLSCPWKVPPRTISDQNVAARSDLLVD
QWKKKAELYRTNVLLIPLGDDFRFKQNTEWDVQRVNYERLFEHINSQAHFNVQAQFGTLQEYFDAVHQAERAGQAEFPTL
SGDFFTYADRSDNYWSGYYTSRPYHKRMDRVLMHYVRAAEMLSAWHSWDGMARIEERLEQARRELSLFQHHDGITGTAKT
HVVVDYEQRMQEALKACQMVMQQSVYRLLTKPSIYSPDFSFSYFTLDDSRWPGSGVEDSRTTIILGEDILPSKHVVMHNT
LPHWREQLVDFYVSSPFVSVTDLANNPVEAQVSPVWSWHHDTLTKTIHPQGSTTKYRIIFKARVPPMGLATYVLTISDSK
PEHTSYASNLLLRKNPTSLPLGQYPEDVKFGDPREISLRVGNGPTLAFSEQGLLKSIQLTQDSPHVPVHFKFLKYGVRSH
GDRSGAYLFLPNGPASPVELGQPVVLVTKGKLESSVSVGLPSVVHQTIMRGGAPEIRNLVDIGSLDNTEIVMRLETHIDS
GDIFYTDLNGLQFIKRRRLDKLPLQANYYPIPSGMFIEDANTRLTLLTGQPLGGSSLASGELEIMQDRRLASDDERGLGQ
GVLDNKPVLHIYRLVLEKVNNCVRPSKLHPAGYLTSAAHKASQSLLDPLDKFIFAENEWIGAQGQFGGDHPSAREDLDVS
VMRRLTKSSAKTQRVGYVLHRTNLMQCGTPEEHTQKLDVCHLLPNVARCERTTLTFLQNLEHLDGMVAPEVCPMETAAYV
SSHSS
;
_entity_poly.pdbx_strand_id   A
#
loop_
_chem_comp.id
_chem_comp.type
_chem_comp.name
_chem_comp.formula
GOX non-polymer (2S,3S,4R,5R)-6-(HYDROXYAMINO)-2-(HYDROXYMETHYL)-2,3,4,5-TETRAHYDROPYRIDINE-3,4,5-TRIOL 'C6 H12 N2 O5'
MRD non-polymer (4R)-2-METHYLPENTANE-2,4-DIOL 'C6 H14 O2'
ZN non-polymer 'ZINC ION' 'Zn 2'
#
# COMPACT_ATOMS: atom_id res chain seq x y z
N GLN A 30 -25.57 -11.22 14.59
CA GLN A 30 -24.30 -11.98 14.65
C GLN A 30 -23.10 -11.07 14.35
N CYS A 31 -23.16 -10.40 13.21
CA CYS A 31 -22.13 -9.42 12.85
C CYS A 31 -22.39 -8.09 13.55
N GLN A 32 -21.32 -7.40 13.93
CA GLN A 32 -21.42 -6.02 14.38
C GLN A 32 -21.89 -5.13 13.24
N ASP A 33 -22.76 -4.19 13.56
CA ASP A 33 -23.17 -3.16 12.61
C ASP A 33 -22.08 -2.11 12.53
N VAL A 34 -21.52 -1.87 11.36
CA VAL A 34 -20.35 -1.00 11.26
C VAL A 34 -20.74 0.39 10.77
N VAL A 35 -22.05 0.60 10.63
CA VAL A 35 -22.57 1.87 10.08
C VAL A 35 -23.27 2.74 11.14
N GLN A 36 -24.12 2.11 11.94
CA GLN A 36 -25.13 2.87 12.71
C GLN A 36 -24.82 3.17 14.17
N ASP A 37 -23.77 2.55 14.71
CA ASP A 37 -23.42 2.70 16.12
C ASP A 37 -22.07 3.44 16.16
N VAL A 38 -22.05 4.67 16.69
CA VAL A 38 -20.78 5.41 16.82
C VAL A 38 -20.04 4.87 18.04
N PRO A 39 -18.83 4.30 17.84
CA PRO A 39 -18.12 3.76 18.99
C PRO A 39 -17.81 4.82 20.04
N ASN A 40 -17.88 4.41 21.31
CA ASN A 40 -17.53 5.28 22.40
C ASN A 40 -16.09 4.98 22.75
N VAL A 41 -15.18 5.89 22.42
CA VAL A 41 -13.76 5.72 22.79
C VAL A 41 -13.27 6.92 23.59
N ASP A 42 -12.17 6.77 24.32
CA ASP A 42 -11.63 7.88 25.08
C ASP A 42 -11.02 8.94 24.19
N VAL A 43 -10.34 8.50 23.13
CA VAL A 43 -9.72 9.41 22.19
C VAL A 43 -10.15 8.98 20.80
N GLN A 44 -10.75 9.90 20.07
CA GLN A 44 -11.12 9.66 18.68
C GLN A 44 -10.35 10.72 17.91
N MET A 45 -9.46 10.30 17.01
CA MET A 45 -8.50 11.22 16.47
C MET A 45 -9.10 12.38 15.65
N LEU A 46 -10.23 12.16 14.96
CA LEU A 46 -10.86 13.26 14.22
C LEU A 46 -11.38 14.30 15.22
N GLU A 47 -12.02 13.79 16.28
CA GLU A 47 -12.56 14.71 17.30
C GLU A 47 -11.43 15.45 17.99
N LEU A 48 -10.34 14.77 18.31
CA LEU A 48 -9.19 15.39 18.92
C LEU A 48 -8.62 16.49 18.05
N TYR A 49 -8.45 16.18 16.75
CA TYR A 49 -7.99 17.20 15.80
C TYR A 49 -8.86 18.46 15.78
N ASP A 50 -10.15 18.25 15.95
CA ASP A 50 -11.10 19.38 15.85
C ASP A 50 -10.90 20.32 17.04
N ARG A 51 -10.54 19.75 18.18
CA ARG A 51 -10.37 20.52 19.45
C ARG A 51 -8.96 21.04 19.71
N MET A 52 -7.92 20.32 19.26
CA MET A 52 -6.50 20.66 19.49
C MET A 52 -6.04 21.99 18.89
N SER A 53 -5.02 22.64 19.47
CA SER A 53 -4.57 23.96 18.97
CA SER A 53 -4.55 23.95 19.01
C SER A 53 -3.46 24.00 17.90
N PHE A 54 -2.59 23.01 17.94
CA PHE A 54 -1.43 22.85 17.06
C PHE A 54 -0.39 23.95 17.16
N LYS A 55 -0.48 24.80 18.16
CA LYS A 55 0.53 25.88 18.22
C LYS A 55 1.90 25.28 18.55
N ASP A 56 2.93 25.79 17.90
CA ASP A 56 4.27 25.26 17.96
C ASP A 56 5.11 26.11 18.93
N ILE A 57 4.95 25.89 20.21
CA ILE A 57 5.62 26.74 21.17
C ILE A 57 6.86 26.04 21.74
N ASP A 58 7.86 26.83 22.08
CA ASP A 58 9.11 26.33 22.60
C ASP A 58 8.85 25.83 24.02
N GLY A 59 9.01 24.52 24.22
CA GLY A 59 8.70 23.91 25.50
C GLY A 59 9.90 23.81 26.44
N GLY A 60 11.06 24.35 26.03
CA GLY A 60 12.30 24.21 26.79
C GLY A 60 13.18 23.09 26.22
N VAL A 61 13.84 22.34 27.09
CA VAL A 61 14.73 21.29 26.63
C VAL A 61 13.95 20.25 25.82
N TRP A 62 12.75 19.92 26.28
CA TRP A 62 11.82 19.12 25.46
C TRP A 62 11.15 20.16 24.58
N LYS A 63 11.73 20.36 23.39
CA LYS A 63 11.29 21.51 22.59
C LYS A 63 9.82 21.54 22.25
N GLN A 64 9.22 20.37 22.06
CA GLN A 64 7.82 20.28 21.66
C GLN A 64 6.91 19.80 22.78
N GLY A 65 7.43 19.88 24.01
CA GLY A 65 6.65 19.49 25.16
C GLY A 65 6.63 20.57 26.22
N TRP A 66 7.01 20.17 27.42
CA TRP A 66 7.05 21.11 28.58
C TRP A 66 8.08 20.57 29.55
N ASN A 67 8.40 21.36 30.59
CA ASN A 67 9.36 20.95 31.59
C ASN A 67 8.71 19.99 32.55
N ILE A 68 9.02 18.71 32.41
CA ILE A 68 8.32 17.68 33.16
C ILE A 68 8.77 17.72 34.63
N LYS A 69 7.78 17.64 35.51
CA LYS A 69 8.02 17.61 36.95
C LYS A 69 7.55 16.27 37.50
N TYR A 70 8.29 15.72 38.46
CA TYR A 70 7.84 14.52 39.12
C TYR A 70 8.03 14.63 40.64
N ASP A 71 7.24 13.83 41.36
CA ASP A 71 7.34 13.75 42.83
C ASP A 71 8.40 12.71 43.17
N PRO A 72 9.52 13.14 43.78
CA PRO A 72 10.56 12.14 44.11
C PRO A 72 10.02 11.02 44.98
N LEU A 73 8.98 11.28 45.75
CA LEU A 73 8.43 10.29 46.67
C LEU A 73 7.49 9.26 46.03
N LYS A 74 7.27 9.38 44.72
CA LYS A 74 6.37 8.48 43.99
C LYS A 74 6.87 7.04 44.00
N TYR A 75 8.19 6.90 43.85
CA TYR A 75 8.82 5.60 43.86
C TYR A 75 9.49 5.42 45.24
N ASN A 76 9.39 4.21 45.77
CA ASN A 76 9.91 3.90 47.11
C ASN A 76 10.25 2.41 47.21
N ALA A 77 10.60 1.93 48.40
CA ALA A 77 11.01 0.54 48.55
C ALA A 77 9.95 -0.45 48.05
N HIS A 78 8.68 -0.11 48.23
CA HIS A 78 7.60 -1.03 47.88
C HIS A 78 7.01 -0.73 46.50
N HIS A 79 7.57 0.27 45.83
CA HIS A 79 7.06 0.66 44.52
C HIS A 79 8.19 1.29 43.72
N LYS A 80 8.96 0.43 43.07
CA LYS A 80 10.14 0.84 42.33
C LYS A 80 9.79 1.06 40.89
N LEU A 81 10.58 1.91 40.23
CA LEU A 81 10.46 2.10 38.78
C LEU A 81 11.28 0.99 38.11
N LYS A 82 10.64 0.15 37.30
CA LYS A 82 11.33 -0.93 36.58
C LYS A 82 11.65 -0.40 35.19
N VAL A 83 12.94 -0.39 34.85
CA VAL A 83 13.39 0.21 33.60
C VAL A 83 13.99 -0.87 32.69
N PHE A 84 13.44 -0.97 31.48
CA PHE A 84 13.97 -1.92 30.48
C PHE A 84 14.66 -1.15 29.38
N VAL A 85 15.97 -1.31 29.31
CA VAL A 85 16.75 -0.66 28.25
C VAL A 85 16.86 -1.65 27.11
N VAL A 86 16.32 -1.27 25.95
CA VAL A 86 16.13 -2.25 24.86
C VAL A 86 17.05 -1.90 23.69
N PRO A 87 18.20 -2.59 23.55
CA PRO A 87 19.11 -2.32 22.43
C PRO A 87 18.49 -2.70 21.07
N HIS A 88 18.71 -1.83 20.10
CA HIS A 88 18.12 -2.03 18.78
C HIS A 88 18.97 -1.36 17.70
N SER A 89 18.72 -1.73 16.46
CA SER A 89 19.49 -1.22 15.34
C SER A 89 18.51 -1.08 14.19
N HIS A 90 18.26 0.16 13.77
CA HIS A 90 17.32 0.38 12.68
C HIS A 90 18.03 0.12 11.33
N ASN A 91 17.60 -0.90 10.59
CA ASN A 91 18.26 -1.26 9.33
C ASN A 91 17.29 -1.07 8.18
N ASP A 92 17.46 -0.02 7.39
CA ASP A 92 16.59 0.21 6.23
C ASP A 92 16.99 -0.75 5.11
N PRO A 93 16.04 -1.57 4.63
CA PRO A 93 16.27 -2.42 3.45
C PRO A 93 16.31 -1.65 2.13
N GLY A 94 17.28 -0.77 2.05
CA GLY A 94 17.39 0.20 0.97
C GLY A 94 16.96 1.56 1.45
N TRP A 95 17.78 2.54 1.13
CA TRP A 95 17.47 3.95 1.34
C TRP A 95 18.51 4.81 0.61
N ILE A 96 19.64 5.08 1.26
CA ILE A 96 20.71 5.78 0.59
C ILE A 96 21.76 4.80 0.02
N GLN A 97 21.64 3.52 0.38
CA GLN A 97 22.35 2.44 -0.32
C GLN A 97 21.29 1.39 -0.69
N THR A 98 21.63 0.48 -1.59
CA THR A 98 20.67 -0.59 -1.90
C THR A 98 20.65 -1.61 -0.76
N PHE A 99 19.65 -2.47 -0.73
CA PHE A 99 19.63 -3.57 0.24
C PHE A 99 20.97 -4.31 0.29
N GLU A 100 21.48 -4.71 -0.88
CA GLU A 100 22.67 -5.54 -0.88
C GLU A 100 23.88 -4.71 -0.47
N GLU A 101 23.94 -3.43 -0.85
CA GLU A 101 25.07 -2.59 -0.41
C GLU A 101 25.04 -2.46 1.11
N TYR A 102 23.88 -2.18 1.70
CA TYR A 102 23.82 -2.08 3.15
C TYR A 102 24.14 -3.41 3.83
N TYR A 103 23.70 -4.51 3.21
CA TYR A 103 23.96 -5.80 3.80
C TYR A 103 25.49 -6.02 3.88
N GLN A 104 26.15 -5.70 2.78
CA GLN A 104 27.61 -5.92 2.73
C GLN A 104 28.39 -4.97 3.60
N HIS A 105 27.95 -3.73 3.67
CA HIS A 105 28.70 -2.69 4.38
C HIS A 105 28.40 -2.65 5.86
N ASP A 106 27.15 -2.99 6.23
CA ASP A 106 26.68 -2.76 7.58
C ASP A 106 26.02 -3.97 8.23
N THR A 107 24.91 -4.42 7.66
CA THR A 107 24.03 -5.32 8.36
C THR A 107 24.70 -6.68 8.59
N LYS A 108 25.51 -7.18 7.67
CA LYS A 108 26.14 -8.48 7.95
C LYS A 108 27.08 -8.40 9.17
N HIS A 109 27.68 -7.23 9.36
CA HIS A 109 28.56 -7.03 10.50
C HIS A 109 27.76 -6.86 11.77
N ILE A 110 26.66 -6.12 11.71
CA ILE A 110 25.79 -5.99 12.87
C ILE A 110 25.32 -7.37 13.34
N LEU A 111 24.82 -8.19 12.42
CA LEU A 111 24.30 -9.47 12.85
C LEU A 111 25.36 -10.45 13.31
N SER A 112 26.50 -10.42 12.65
CA SER A 112 27.59 -11.30 13.02
C SER A 112 28.11 -10.93 14.40
N ASN A 113 28.24 -9.61 14.64
CA ASN A 113 28.71 -9.15 15.95
C ASN A 113 27.66 -9.29 17.02
N ALA A 114 26.37 -9.20 16.66
CA ALA A 114 25.33 -9.46 17.63
C ALA A 114 25.40 -10.92 18.08
N LEU A 115 25.55 -11.84 17.12
CA LEU A 115 25.62 -13.23 17.49
C LEU A 115 26.75 -13.47 18.52
N ARG A 116 27.91 -12.90 18.25
CA ARG A 116 29.08 -13.12 19.10
C ARG A 116 28.87 -12.48 20.47
N HIS A 117 28.48 -11.22 20.49
CA HIS A 117 28.33 -10.53 21.76
C HIS A 117 27.20 -11.04 22.61
N LEU A 118 26.10 -11.40 22.01
CA LEU A 118 25.01 -11.94 22.80
C LEU A 118 25.42 -13.31 23.33
N HIS A 119 26.02 -14.12 22.51
CA HIS A 119 26.45 -15.42 22.98
C HIS A 119 27.39 -15.25 24.19
N ASP A 120 28.33 -14.31 24.10
CA ASP A 120 29.34 -14.10 25.16
C ASP A 120 28.87 -13.37 26.42
N ASN A 121 27.73 -12.71 26.35
CA ASN A 121 27.24 -11.84 27.40
C ASN A 121 25.79 -12.13 27.69
N PRO A 122 25.53 -13.09 28.56
CA PRO A 122 24.20 -13.65 28.71
C PRO A 122 23.10 -12.66 29.12
N GLU A 123 23.44 -11.53 29.75
CA GLU A 123 22.42 -10.56 30.17
C GLU A 123 22.13 -9.50 29.11
N MET A 124 22.94 -9.46 28.05
CA MET A 124 22.76 -8.46 27.00
C MET A 124 21.57 -8.94 26.16
N LYS A 125 20.85 -7.97 25.59
CA LYS A 125 19.59 -8.23 24.83
C LYS A 125 19.68 -7.43 23.56
N PHE A 126 18.86 -7.82 22.56
CA PHE A 126 18.84 -7.12 21.26
C PHE A 126 17.55 -7.49 20.60
N ILE A 127 16.91 -6.51 19.97
CA ILE A 127 15.71 -6.79 19.18
C ILE A 127 16.00 -6.56 17.70
N TRP A 128 15.30 -7.31 16.88
CA TRP A 128 15.53 -7.26 15.42
C TRP A 128 14.18 -7.24 14.70
N ALA A 129 14.03 -6.31 13.76
CA ALA A 129 12.78 -6.15 13.04
C ALA A 129 12.72 -6.70 11.60
N GLU A 130 13.76 -6.48 10.80
CA GLU A 130 13.69 -6.66 9.31
C GLU A 130 14.13 -8.06 8.92
N ILE A 131 13.16 -8.94 8.64
CA ILE A 131 13.53 -10.35 8.41
C ILE A 131 14.19 -10.50 7.04
N SER A 132 13.95 -9.58 6.10
CA SER A 132 14.66 -9.62 4.82
C SER A 132 16.17 -9.67 5.04
N TYR A 133 16.68 -8.81 5.92
CA TYR A 133 18.11 -8.88 6.22
C TYR A 133 18.50 -10.10 7.02
N PHE A 134 17.64 -10.52 7.94
CA PHE A 134 18.00 -11.64 8.76
C PHE A 134 18.10 -12.91 7.91
N ALA A 135 17.14 -13.11 7.01
CA ALA A 135 17.15 -14.27 6.15
C ALA A 135 18.39 -14.19 5.24
N ARG A 136 18.73 -13.00 4.77
CA ARG A 136 19.91 -12.81 3.88
C ARG A 136 21.16 -13.25 4.62
N PHE A 137 21.21 -12.94 5.92
CA PHE A 137 22.33 -13.29 6.77
C PHE A 137 22.38 -14.77 7.09
N TYR A 138 21.24 -15.30 7.52
CA TYR A 138 21.20 -16.65 8.09
C TYR A 138 21.56 -17.66 7.03
N HIS A 139 21.26 -17.38 5.78
CA HIS A 139 21.55 -18.36 4.74
C HIS A 139 23.02 -18.33 4.27
N ASP A 140 23.80 -17.36 4.75
CA ASP A 140 25.26 -17.39 4.60
C ASP A 140 26.00 -18.03 5.79
N LEU A 141 25.26 -18.42 6.82
CA LEU A 141 25.83 -18.97 8.05
C LEU A 141 26.08 -20.45 7.92
N GLY A 142 27.22 -20.88 8.45
CA GLY A 142 27.48 -22.31 8.63
C GLY A 142 26.63 -22.89 9.75
N GLU A 143 26.51 -24.22 9.79
CA GLU A 143 25.61 -24.90 10.71
C GLU A 143 25.92 -24.59 12.18
N ASN A 144 27.21 -24.47 12.51
CA ASN A 144 27.59 -24.11 13.87
C ASN A 144 27.00 -22.76 14.31
N LYS A 145 27.18 -21.74 13.47
CA LYS A 145 26.64 -20.42 13.78
C LYS A 145 25.10 -20.40 13.76
N LYS A 146 24.46 -21.20 12.89
CA LYS A 146 22.99 -21.29 12.91
C LYS A 146 22.53 -21.81 14.24
N LEU A 147 23.21 -22.85 14.75
CA LEU A 147 22.89 -23.41 16.05
C LEU A 147 23.07 -22.37 17.16
N GLN A 148 24.17 -21.62 17.12
CA GLN A 148 24.40 -20.57 18.10
C GLN A 148 23.28 -19.52 18.06
N MET A 149 22.85 -19.19 16.84
CA MET A 149 21.82 -18.17 16.66
C MET A 149 20.50 -18.66 17.22
N LYS A 150 20.15 -19.92 16.91
CA LYS A 150 18.91 -20.46 17.40
C LYS A 150 18.90 -20.46 18.92
N SER A 151 20.06 -20.72 19.52
CA SER A 151 20.16 -20.76 20.98
C SER A 151 19.92 -19.39 21.63
N ILE A 152 20.45 -18.31 21.06
CA ILE A 152 20.23 -16.99 21.63
C ILE A 152 18.82 -16.48 21.35
N VAL A 153 18.16 -17.01 20.32
CA VAL A 153 16.76 -16.72 20.16
C VAL A 153 15.91 -17.49 21.18
N LYS A 154 16.20 -18.79 21.28
CA LYS A 154 15.43 -19.63 22.17
C LYS A 154 15.54 -19.16 23.63
N ASN A 155 16.70 -18.67 24.06
CA ASN A 155 16.90 -18.19 25.43
C ASN A 155 16.46 -16.72 25.67
N GLY A 156 15.90 -16.10 24.64
CA GLY A 156 15.30 -14.78 24.81
C GLY A 156 16.28 -13.61 24.72
N GLN A 157 17.55 -13.82 24.36
CA GLN A 157 18.46 -12.68 24.28
C GLN A 157 18.25 -11.88 23.00
N LEU A 158 18.06 -12.60 21.90
CA LEU A 158 17.74 -11.93 20.63
C LEU A 158 16.25 -12.13 20.38
N GLU A 159 15.52 -11.04 20.26
CA GLU A 159 14.08 -11.14 20.12
C GLU A 159 13.64 -10.48 18.83
N PHE A 160 12.85 -11.18 18.03
CA PHE A 160 12.31 -10.57 16.86
C PHE A 160 11.07 -9.79 17.20
N VAL A 161 10.99 -8.60 16.62
CA VAL A 161 9.87 -7.72 16.83
C VAL A 161 9.20 -7.50 15.48
N THR A 162 7.87 -7.64 15.46
CA THR A 162 7.04 -7.69 14.24
C THR A 162 7.30 -8.95 13.43
N GLY A 163 8.51 -9.05 12.89
CA GLY A 163 8.85 -10.25 12.13
C GLY A 163 8.41 -10.18 10.68
N GLY A 164 8.12 -8.98 10.19
CA GLY A 164 7.86 -8.84 8.77
C GLY A 164 9.11 -8.83 7.94
N TRP A 165 8.94 -9.02 6.64
CA TRP A 165 10.10 -8.90 5.78
C TRP A 165 10.76 -7.52 5.90
N VAL A 166 9.91 -6.50 6.07
CA VAL A 166 10.36 -5.12 6.25
C VAL A 166 9.55 -4.46 7.37
N MET A 167 9.82 -3.17 7.62
CA MET A 167 8.96 -2.36 8.50
C MET A 167 8.24 -1.46 7.50
N PRO A 168 7.01 -1.80 7.12
CA PRO A 168 6.44 -1.18 5.93
C PRO A 168 5.97 0.23 6.12
N ASP A 169 6.00 0.98 5.05
CA ASP A 169 5.19 2.19 4.98
C ASP A 169 3.77 1.86 5.38
N GLU A 170 3.12 2.85 5.99
CA GLU A 170 1.73 2.68 6.37
C GLU A 170 0.74 3.55 5.60
N ALA A 171 1.26 4.47 4.77
CA ALA A 171 0.44 5.45 4.03
C ALA A 171 0.03 4.93 2.65
N ASN A 172 1.03 4.45 1.92
CA ASN A 172 0.81 4.10 0.52
C ASN A 172 0.57 2.63 0.28
N SER A 173 0.97 1.81 1.27
CA SER A 173 0.91 0.34 1.09
C SER A 173 -0.51 -0.14 1.09
N HIS A 174 -0.78 -1.14 0.24
CA HIS A 174 -2.07 -1.77 0.29
C HIS A 174 -2.07 -2.81 1.40
N TRP A 175 -3.19 -2.94 2.12
CA TRP A 175 -3.23 -3.93 3.22
C TRP A 175 -2.85 -5.31 2.76
N ARG A 176 -3.16 -5.67 1.50
CA ARG A 176 -2.83 -7.01 1.03
C ARG A 176 -1.32 -7.19 1.02
N ASN A 177 -0.57 -6.13 0.71
CA ASN A 177 0.88 -6.26 0.66
C ASN A 177 1.49 -6.10 2.04
N VAL A 178 0.84 -5.36 2.94
CA VAL A 178 1.29 -5.34 4.32
C VAL A 178 1.20 -6.80 4.87
N LEU A 179 0.07 -7.46 4.59
CA LEU A 179 -0.08 -8.85 5.04
C LEU A 179 0.92 -9.76 4.34
N LEU A 180 1.16 -9.52 3.05
CA LEU A 180 2.10 -10.36 2.30
C LEU A 180 3.45 -10.31 2.95
N GLN A 181 3.93 -9.10 3.23
CA GLN A 181 5.29 -8.98 3.74
C GLN A 181 5.37 -9.51 5.18
N LEU A 182 4.31 -9.31 5.95
CA LEU A 182 4.30 -9.86 7.32
C LEU A 182 4.38 -11.36 7.26
N THR A 183 3.60 -11.95 6.34
CA THR A 183 3.57 -13.39 6.25
C THR A 183 4.91 -13.93 5.75
N GLU A 184 5.56 -13.19 4.86
CA GLU A 184 6.82 -13.66 4.30
C GLU A 184 7.84 -13.75 5.43
N GLY A 185 7.92 -12.70 6.25
CA GLY A 185 8.89 -12.76 7.33
C GLY A 185 8.50 -13.73 8.43
N GLN A 186 7.23 -13.77 8.77
CA GLN A 186 6.87 -14.64 9.91
C GLN A 186 6.98 -16.10 9.49
N THR A 187 6.69 -16.41 8.22
CA THR A 187 6.78 -17.82 7.79
C THR A 187 8.24 -18.25 7.86
N TRP A 188 9.14 -17.38 7.41
CA TRP A 188 10.58 -17.62 7.53
C TRP A 188 10.93 -17.86 9.00
N LEU A 189 10.47 -16.98 9.88
CA LEU A 189 10.82 -17.13 11.31
C LEU A 189 10.28 -18.43 11.88
N LYS A 190 9.06 -18.82 11.55
CA LYS A 190 8.53 -20.06 12.13
C LYS A 190 9.38 -21.23 11.64
N GLN A 191 9.71 -21.26 10.35
CA GLN A 191 10.44 -22.38 9.76
C GLN A 191 11.85 -22.51 10.30
N PHE A 192 12.55 -21.39 10.39
CA PHE A 192 13.97 -21.44 10.73
C PHE A 192 14.34 -21.12 12.15
N MET A 193 13.54 -20.28 12.82
CA MET A 193 13.82 -19.85 14.20
CA MET A 193 13.83 -19.87 14.20
C MET A 193 12.82 -20.41 15.22
N ASN A 194 11.75 -21.00 14.73
CA ASN A 194 10.69 -21.54 15.58
C ASN A 194 10.13 -20.50 16.54
N VAL A 195 9.89 -19.30 16.04
CA VAL A 195 9.28 -18.24 16.85
C VAL A 195 8.30 -17.48 15.98
N THR A 196 7.27 -16.96 16.62
CA THR A 196 6.30 -16.04 16.01
C THR A 196 6.11 -14.81 16.90
N PRO A 197 6.65 -13.64 16.51
CA PRO A 197 6.46 -12.43 17.32
C PRO A 197 5.02 -12.07 17.55
N THR A 198 4.76 -11.56 18.77
CA THR A 198 3.45 -11.06 19.15
C THR A 198 3.51 -9.60 19.56
N ALA A 199 4.71 -9.00 19.46
CA ALA A 199 4.87 -7.56 19.68
C ALA A 199 5.44 -6.93 18.43
N SER A 200 4.85 -5.82 18.00
CA SER A 200 5.30 -5.13 16.81
C SER A 200 6.08 -3.85 17.15
N TRP A 201 7.07 -3.52 16.34
CA TRP A 201 7.96 -2.36 16.53
C TRP A 201 7.99 -1.57 15.22
N ALA A 202 7.35 -0.41 15.22
CA ALA A 202 7.32 0.46 14.03
C ALA A 202 7.82 1.85 14.37
N ILE A 203 9.13 2.02 14.37
CA ILE A 203 9.73 3.26 14.84
C ILE A 203 9.95 4.29 13.77
N ASP A 204 9.82 3.88 12.50
CA ASP A 204 10.16 4.80 11.43
C ASP A 204 9.13 5.12 10.34
N PRO A 205 8.03 4.34 10.15
CA PRO A 205 7.11 4.79 9.07
C PRO A 205 6.59 6.20 9.32
N PHE A 206 6.31 6.94 8.26
CA PHE A 206 6.14 8.40 8.43
C PHE A 206 4.66 8.71 8.66
N GLY A 207 4.23 8.42 9.88
CA GLY A 207 2.83 8.38 10.20
C GLY A 207 2.34 6.95 10.26
N HIS A 208 1.24 6.75 10.98
CA HIS A 208 0.77 5.40 11.27
C HIS A 208 -0.69 5.19 11.00
N SER A 209 -0.99 3.99 10.53
CA SER A 209 -2.33 3.62 10.11
C SER A 209 -2.95 2.52 11.00
N PRO A 210 -4.26 2.64 11.28
CA PRO A 210 -4.96 1.58 12.03
C PRO A 210 -5.06 0.29 11.23
N THR A 211 -4.67 0.29 9.96
CA THR A 211 -4.63 -1.01 9.26
C THR A 211 -3.59 -1.92 9.92
N MET A 212 -2.56 -1.35 10.52
CA MET A 212 -1.56 -2.20 11.17
C MET A 212 -2.14 -2.98 12.34
N PRO A 213 -2.73 -2.31 13.35
CA PRO A 213 -3.32 -3.17 14.40
C PRO A 213 -4.41 -4.09 13.88
N TYR A 214 -5.14 -3.67 12.83
CA TYR A 214 -6.15 -4.56 12.23
C TYR A 214 -5.52 -5.90 11.84
N ILE A 215 -4.46 -5.81 11.03
CA ILE A 215 -3.80 -7.00 10.55
C ILE A 215 -3.07 -7.71 11.66
N LEU A 216 -2.37 -6.96 12.52
CA LEU A 216 -1.61 -7.60 13.59
C LEU A 216 -2.50 -8.37 14.54
N GLN A 217 -3.61 -7.77 14.94
CA GLN A 217 -4.44 -8.42 15.96
C GLN A 217 -5.04 -9.71 15.38
N LYS A 218 -5.26 -9.76 14.08
CA LYS A 218 -5.75 -10.97 13.40
C LYS A 218 -4.63 -11.95 13.01
N SER A 219 -3.41 -11.59 13.38
CA SER A 219 -2.22 -12.39 13.16
C SER A 219 -1.54 -12.77 14.46
N GLY A 220 -2.28 -12.78 15.55
CA GLY A 220 -1.79 -13.27 16.85
C GLY A 220 -1.13 -12.23 17.73
N PHE A 221 -1.04 -10.97 17.27
CA PHE A 221 -0.31 -9.99 18.06
C PHE A 221 -1.06 -9.55 19.27
N LYS A 222 -0.28 -9.12 20.26
CA LYS A 222 -0.88 -8.64 21.51
C LYS A 222 -0.47 -7.21 21.81
N ASN A 223 0.59 -6.72 21.17
CA ASN A 223 1.09 -5.37 21.50
C ASN A 223 1.79 -4.76 20.31
N MET A 224 1.74 -3.45 20.22
CA MET A 224 2.51 -2.78 19.15
C MET A 224 3.05 -1.45 19.64
N LEU A 225 4.09 -0.97 18.95
CA LEU A 225 4.73 0.30 19.31
C LEU A 225 4.86 1.13 18.07
N ILE A 226 4.60 2.44 18.22
CA ILE A 226 4.71 3.39 17.14
C ILE A 226 5.48 4.62 17.61
N GLN A 227 5.96 5.41 16.65
CA GLN A 227 6.87 6.55 16.99
C GLN A 227 6.51 7.81 16.22
N ARG A 228 6.36 7.75 14.89
CA ARG A 228 6.28 8.98 14.12
C ARG A 228 4.87 9.48 14.04
N THR A 229 4.51 10.23 15.08
CA THR A 229 3.22 10.90 15.11
C THR A 229 3.48 12.40 15.31
N HIS A 230 2.52 13.19 14.85
CA HIS A 230 2.67 14.65 14.91
C HIS A 230 3.08 15.10 16.30
N TYR A 231 4.02 16.04 16.35
CA TYR A 231 4.52 16.49 17.64
C TYR A 231 3.44 17.08 18.53
N SER A 232 2.42 17.66 17.92
CA SER A 232 1.30 18.21 18.72
C SER A 232 0.48 17.11 19.34
N VAL A 233 0.36 15.99 18.63
CA VAL A 233 -0.35 14.84 19.16
C VAL A 233 0.42 14.20 20.31
N LYS A 234 1.74 14.07 20.18
CA LYS A 234 2.55 13.54 21.29
C LYS A 234 2.34 14.42 22.52
N LYS A 235 2.33 15.74 22.34
CA LYS A 235 2.22 16.63 23.53
C LYS A 235 0.85 16.47 24.16
N GLU A 236 -0.19 16.43 23.34
CA GLU A 236 -1.57 16.31 23.82
C GLU A 236 -1.78 14.99 24.56
N LEU A 237 -1.36 13.90 23.95
CA LEU A 237 -1.55 12.62 24.60
C LEU A 237 -0.67 12.51 25.84
N ALA A 238 0.54 13.04 25.79
CA ALA A 238 1.44 12.96 26.96
C ALA A 238 0.83 13.63 28.18
N GLN A 239 0.20 14.76 27.94
CA GLN A 239 -0.35 15.56 29.05
C GLN A 239 -1.42 14.77 29.78
N GLN A 240 -2.10 13.90 29.06
CA GLN A 240 -3.21 13.09 29.59
C GLN A 240 -2.78 11.66 29.94
N ARG A 241 -1.48 11.38 29.79
CA ARG A 241 -1.00 10.01 29.93
C ARG A 241 -1.83 9.02 29.07
N GLN A 242 -1.99 9.43 27.80
CA GLN A 242 -2.73 8.62 26.83
C GLN A 242 -1.82 8.12 25.70
N LEU A 243 -0.55 7.92 26.03
CA LEU A 243 0.42 7.44 25.02
C LEU A 243 0.37 5.95 24.88
N GLU A 244 -0.20 5.26 25.85
CA GLU A 244 -0.52 3.84 25.74
C GLU A 244 -2.01 3.70 25.74
N PHE A 245 -2.49 3.00 24.72
CA PHE A 245 -3.92 2.97 24.49
C PHE A 245 -4.35 1.68 23.82
N LEU A 246 -5.62 1.34 23.92
CA LEU A 246 -6.13 0.18 23.21
C LEU A 246 -6.69 0.71 21.90
N TRP A 247 -5.98 0.42 20.81
CA TRP A 247 -6.31 1.01 19.52
C TRP A 247 -7.26 0.09 18.81
N ARG A 248 -8.50 0.57 18.64
CA ARG A 248 -9.51 -0.19 17.90
C ARG A 248 -9.84 0.48 16.59
N GLN A 249 -10.47 -0.30 15.71
CA GLN A 249 -10.90 0.24 14.43
C GLN A 249 -11.99 1.28 14.57
N ILE A 250 -12.07 2.21 13.63
CA ILE A 250 -12.98 3.33 13.77
C ILE A 250 -14.45 2.92 13.84
N TRP A 251 -14.78 1.78 13.27
CA TRP A 251 -16.18 1.36 13.21
C TRP A 251 -16.52 0.38 14.32
N ASP A 252 -15.53 0.02 15.13
CA ASP A 252 -15.67 -1.10 16.05
C ASP A 252 -16.33 -0.70 17.34
N ASN A 253 -17.61 -1.01 17.47
CA ASN A 253 -18.36 -0.62 18.65
CA ASN A 253 -18.31 -0.60 18.67
C ASN A 253 -17.99 -1.43 19.90
N LYS A 254 -17.78 -2.72 19.71
CA LYS A 254 -17.55 -3.67 20.81
C LYS A 254 -16.13 -3.56 21.34
N GLY A 255 -15.18 -3.41 20.43
CA GLY A 255 -13.79 -3.33 20.80
C GLY A 255 -12.98 -4.59 20.56
N ASP A 256 -13.54 -5.56 19.81
CA ASP A 256 -12.84 -6.84 19.63
C ASP A 256 -11.61 -6.70 18.72
N THR A 257 -11.52 -5.60 17.98
CA THR A 257 -10.31 -5.35 17.17
C THR A 257 -9.18 -4.72 17.96
N ALA A 258 -9.41 -4.33 19.22
CA ALA A 258 -8.41 -3.52 19.90
C ALA A 258 -7.05 -4.20 20.07
N LEU A 259 -5.99 -3.40 19.94
CA LEU A 259 -4.63 -3.89 20.18
C LEU A 259 -3.92 -2.86 21.04
N PHE A 260 -3.28 -3.33 22.12
CA PHE A 260 -2.52 -2.45 22.97
C PHE A 260 -1.39 -1.80 22.20
N THR A 261 -1.29 -0.46 22.29
CA THR A 261 -0.32 0.27 21.50
C THR A 261 0.45 1.23 22.39
N HIS A 262 1.76 1.28 22.24
CA HIS A 262 2.57 2.25 22.93
C HIS A 262 3.09 3.25 21.91
N MET A 263 2.77 4.53 22.09
CA MET A 263 3.37 5.59 21.30
C MET A 263 4.53 6.19 22.07
N MET A 264 5.71 6.22 21.44
N MET A 264 5.72 6.23 21.46
CA MET A 264 6.89 6.88 22.01
CA MET A 264 6.87 6.86 22.08
C MET A 264 6.62 8.39 22.06
C MET A 264 6.65 8.36 22.07
N PRO A 265 7.15 9.07 23.10
CA PRO A 265 6.72 10.47 23.28
C PRO A 265 7.54 11.57 22.63
N PHE A 266 8.72 11.26 22.10
CA PHE A 266 9.68 12.29 21.74
C PHE A 266 9.96 12.33 20.24
N TYR A 267 10.87 13.19 19.85
CA TYR A 267 11.02 13.57 18.46
C TYR A 267 11.64 12.48 17.60
N SER A 268 12.45 11.62 18.18
CA SER A 268 13.11 10.59 17.39
C SER A 268 13.22 9.31 18.16
N TYR A 269 13.60 8.23 17.47
CA TYR A 269 13.93 6.98 18.15
C TYR A 269 15.40 6.87 18.51
N ASP A 270 16.20 7.91 18.23
CA ASP A 270 17.62 7.83 18.56
C ASP A 270 17.82 8.03 20.06
N ILE A 271 19.05 7.78 20.51
CA ILE A 271 19.30 7.76 21.95
C ILE A 271 19.04 9.13 22.60
N PRO A 272 19.46 10.23 21.93
CA PRO A 272 19.16 11.55 22.54
C PRO A 272 17.69 11.78 22.78
N HIS A 273 16.81 11.06 22.06
CA HIS A 273 15.36 11.30 22.21
C HIS A 273 14.61 10.10 22.80
N THR A 274 15.36 9.21 23.45
CA THR A 274 14.71 8.06 24.04
C THR A 274 14.99 7.85 25.54
N CYS A 275 15.99 8.53 26.09
CA CYS A 275 16.23 8.37 27.53
C CYS A 275 15.32 9.23 28.40
N GLY A 276 14.74 10.29 27.84
CA GLY A 276 14.07 11.31 28.64
C GLY A 276 13.88 12.55 27.79
N PRO A 277 13.30 13.59 28.36
CA PRO A 277 12.95 14.80 27.59
C PRO A 277 14.08 15.71 27.21
N ASP A 278 15.26 15.61 27.82
CA ASP A 278 16.36 16.52 27.47
C ASP A 278 17.45 15.88 26.64
N PRO A 279 17.46 16.17 25.32
CA PRO A 279 18.43 15.45 24.48
C PRO A 279 19.87 15.84 24.79
N LYS A 280 20.11 17.04 25.34
CA LYS A 280 21.47 17.38 25.74
C LYS A 280 22.01 16.43 26.82
N VAL A 281 21.11 15.94 27.69
CA VAL A 281 21.50 14.95 28.68
C VAL A 281 21.54 13.56 28.07
N CYS A 282 20.48 13.20 27.31
CA CYS A 282 20.38 11.82 26.81
C CYS A 282 21.53 11.51 25.88
N CYS A 283 21.98 12.51 25.12
CA CYS A 283 23.10 12.28 24.21
C CYS A 283 24.38 11.82 24.92
N GLN A 284 24.51 12.19 26.19
CA GLN A 284 25.66 11.80 26.98
C GLN A 284 25.66 10.34 27.39
N PHE A 285 24.56 9.65 27.02
CA PHE A 285 24.41 8.23 27.33
C PHE A 285 24.32 7.40 26.06
N ASP A 286 24.75 8.01 24.96
CA ASP A 286 25.03 7.30 23.73
C ASP A 286 26.53 7.16 23.63
N PHE A 287 27.05 6.04 24.09
CA PHE A 287 28.49 5.93 24.22
C PHE A 287 29.22 5.77 22.91
N LYS A 288 28.48 5.70 21.80
CA LYS A 288 29.12 5.74 20.47
C LYS A 288 29.52 7.14 20.04
N ARG A 289 29.18 8.15 20.84
CA ARG A 289 29.42 9.54 20.44
C ARG A 289 30.66 10.22 21.10
N MET A 290 31.67 9.46 21.53
CA MET A 290 32.84 10.09 22.19
C MET A 290 34.03 10.44 21.28
N GLY A 291 33.93 10.09 19.98
CA GLY A 291 34.86 10.59 18.96
C GLY A 291 35.38 9.61 17.90
N SER A 292 35.80 8.43 18.37
CA SER A 292 36.47 7.45 17.52
C SER A 292 35.55 6.82 16.47
N PHE A 293 34.24 7.00 16.65
CA PHE A 293 33.25 6.49 15.70
C PHE A 293 32.72 7.54 14.74
N GLY A 294 33.31 8.74 14.77
CA GLY A 294 32.87 9.83 13.88
C GLY A 294 31.44 10.29 14.18
N LEU A 295 31.06 10.17 15.44
CA LEU A 295 29.78 10.71 15.86
C LEU A 295 30.08 11.63 17.03
N SER A 296 29.23 12.62 17.20
CA SER A 296 29.37 13.53 18.34
C SER A 296 28.01 13.96 18.80
N CYS A 297 27.96 14.78 19.86
CA CYS A 297 26.69 15.30 20.34
C CYS A 297 26.52 16.74 19.92
N PRO A 298 25.48 17.04 19.14
CA PRO A 298 25.33 18.42 18.69
C PRO A 298 24.94 19.38 19.81
N TRP A 299 24.53 18.85 20.96
CA TRP A 299 24.17 19.69 22.14
C TRP A 299 25.42 20.06 22.90
N LYS A 300 26.55 19.58 22.39
CA LYS A 300 27.89 20.05 22.79
C LYS A 300 28.45 19.48 24.09
N VAL A 301 27.71 18.57 24.71
CA VAL A 301 28.27 17.84 25.84
C VAL A 301 28.46 16.37 25.44
N PRO A 302 29.72 15.91 25.39
CA PRO A 302 29.96 14.54 24.94
C PRO A 302 29.65 13.51 26.03
N PRO A 303 29.43 12.26 25.64
CA PRO A 303 29.39 11.26 26.67
C PRO A 303 30.75 11.16 27.34
N ARG A 304 30.72 10.68 28.58
CA ARG A 304 31.93 10.34 29.30
C ARG A 304 31.83 8.92 29.81
N THR A 305 32.92 8.18 29.65
CA THR A 305 33.05 6.83 30.15
C THR A 305 32.67 6.79 31.62
N ILE A 306 31.83 5.82 31.96
CA ILE A 306 31.42 5.65 33.32
C ILE A 306 32.57 5.04 34.13
N SER A 307 32.85 5.65 35.29
CA SER A 307 33.87 5.16 36.20
C SER A 307 33.30 5.26 37.61
N ASP A 308 34.02 4.67 38.56
CA ASP A 308 33.69 4.87 39.98
C ASP A 308 33.61 6.34 40.43
N GLN A 309 34.47 7.20 39.92
CA GLN A 309 34.47 8.62 40.28
C GLN A 309 33.30 9.40 39.75
N ASN A 310 32.63 8.88 38.73
CA ASN A 310 31.57 9.68 38.15
C ASN A 310 30.24 8.94 38.12
N VAL A 311 30.20 7.67 38.51
CA VAL A 311 28.99 6.88 38.32
C VAL A 311 27.80 7.40 39.12
N ALA A 312 28.04 7.96 40.31
CA ALA A 312 26.90 8.47 41.09
C ALA A 312 26.30 9.70 40.43
N ALA A 313 27.14 10.60 39.95
CA ALA A 313 26.70 11.80 39.27
C ALA A 313 25.99 11.44 37.97
N ARG A 314 26.59 10.52 37.24
CA ARG A 314 26.01 10.15 35.93
C ARG A 314 24.68 9.45 36.16
N SER A 315 24.63 8.58 37.15
CA SER A 315 23.38 7.88 37.50
C SER A 315 22.28 8.86 37.91
N ASP A 316 22.64 9.87 38.70
CA ASP A 316 21.69 10.90 39.07
C ASP A 316 21.05 11.60 37.85
N LEU A 317 21.88 11.98 36.87
CA LEU A 317 21.41 12.64 35.66
C LEU A 317 20.48 11.72 34.88
N LEU A 318 20.91 10.45 34.74
CA LEU A 318 20.16 9.50 33.92
C LEU A 318 18.83 9.12 34.57
N VAL A 319 18.88 8.82 35.87
CA VAL A 319 17.63 8.44 36.54
C VAL A 319 16.63 9.59 36.52
N ASP A 320 17.12 10.80 36.63
CA ASP A 320 16.24 11.97 36.53
C ASP A 320 15.51 12.03 35.16
N GLN A 321 16.25 11.71 34.10
CA GLN A 321 15.62 11.67 32.77
C GLN A 321 14.56 10.57 32.72
N TRP A 322 14.93 9.41 33.23
CA TRP A 322 14.00 8.27 33.26
C TRP A 322 12.73 8.61 34.05
N LYS A 323 12.87 9.26 35.20
CA LYS A 323 11.69 9.50 36.03
C LYS A 323 10.80 10.56 35.40
N LYS A 324 11.42 11.48 34.66
CA LYS A 324 10.63 12.43 33.88
C LYS A 324 9.86 11.71 32.76
N LYS A 325 10.57 10.85 31.99
CA LYS A 325 9.87 10.06 30.96
C LYS A 325 8.71 9.26 31.57
N ALA A 326 8.97 8.66 32.74
CA ALA A 326 7.96 7.81 33.38
C ALA A 326 6.69 8.59 33.77
N GLU A 327 6.85 9.89 33.95
CA GLU A 327 5.68 10.73 34.26
C GLU A 327 4.64 10.77 33.17
N LEU A 328 5.03 10.39 31.94
CA LEU A 328 4.14 10.47 30.79
C LEU A 328 3.31 9.22 30.62
N TYR A 329 3.57 8.19 31.45
CA TYR A 329 2.96 6.88 31.35
C TYR A 329 2.34 6.45 32.66
N ARG A 330 1.47 5.46 32.60
CA ARG A 330 0.63 5.08 33.76
C ARG A 330 1.16 3.98 34.67
N THR A 331 2.12 3.19 34.23
CA THR A 331 2.64 2.11 35.09
C THR A 331 4.01 2.46 35.63
N ASN A 332 4.52 1.58 36.48
CA ASN A 332 5.88 1.72 36.99
C ASN A 332 6.89 0.94 36.17
N VAL A 333 6.56 0.70 34.90
CA VAL A 333 7.46 -0.03 34.00
C VAL A 333 7.79 0.92 32.86
N LEU A 334 9.08 1.14 32.59
CA LEU A 334 9.49 2.17 31.65
C LEU A 334 10.29 1.56 30.51
N LEU A 335 9.92 1.93 29.29
CA LEU A 335 10.66 1.46 28.11
C LEU A 335 11.71 2.50 27.71
N ILE A 336 12.97 2.08 27.62
CA ILE A 336 14.04 2.95 27.15
C ILE A 336 14.72 2.27 25.96
N PRO A 337 14.26 2.57 24.74
CA PRO A 337 15.03 2.04 23.58
C PRO A 337 16.48 2.56 23.61
N LEU A 338 17.41 1.74 23.15
CA LEU A 338 18.82 2.12 23.04
C LEU A 338 19.34 1.76 21.66
N GLY A 339 19.24 2.72 20.73
CA GLY A 339 19.71 2.38 19.37
C GLY A 339 19.49 3.54 18.42
N ASP A 340 19.84 3.30 17.15
CA ASP A 340 19.80 4.28 16.09
C ASP A 340 20.06 3.49 14.80
N ASP A 341 20.23 4.23 13.71
CA ASP A 341 20.37 3.60 12.39
C ASP A 341 21.62 2.78 12.32
N PHE A 342 21.48 1.54 11.86
CA PHE A 342 22.63 0.68 11.63
C PHE A 342 23.61 0.67 12.81
N ARG A 343 23.04 0.68 14.00
CA ARG A 343 23.88 0.59 15.20
C ARG A 343 24.26 -0.84 15.53
N PHE A 344 25.15 -0.95 16.52
CA PHE A 344 25.65 -2.25 16.97
C PHE A 344 26.39 -3.00 15.88
N LYS A 345 27.19 -2.25 15.15
CA LYS A 345 27.98 -2.75 14.07
C LYS A 345 29.35 -3.21 14.62
N GLN A 346 30.14 -2.27 15.11
CA GLN A 346 31.52 -2.56 15.51
C GLN A 346 31.57 -3.32 16.83
N ASN A 347 32.49 -4.25 16.95
CA ASN A 347 32.75 -4.88 18.23
C ASN A 347 32.99 -3.87 19.36
N THR A 348 33.76 -2.83 19.05
CA THR A 348 34.05 -1.83 20.05
C THR A 348 32.78 -1.09 20.47
N GLU A 349 31.78 -1.00 19.58
CA GLU A 349 30.53 -0.32 19.90
C GLU A 349 29.70 -1.16 20.85
N TRP A 350 29.62 -2.47 20.58
CA TRP A 350 28.94 -3.36 21.52
C TRP A 350 29.55 -3.19 22.88
N ASP A 351 30.88 -3.15 22.95
CA ASP A 351 31.55 -3.09 24.25
C ASP A 351 31.25 -1.76 24.94
N VAL A 352 31.36 -0.65 24.21
CA VAL A 352 31.25 0.64 24.85
C VAL A 352 29.82 0.86 25.35
N GLN A 353 28.81 0.39 24.62
CA GLN A 353 27.46 0.59 25.13
C GLN A 353 27.19 -0.36 26.29
N ARG A 354 27.57 -1.62 26.12
CA ARG A 354 27.21 -2.59 27.15
C ARG A 354 27.93 -2.30 28.46
N VAL A 355 29.24 -2.06 28.41
CA VAL A 355 29.97 -1.93 29.65
C VAL A 355 29.55 -0.69 30.42
N ASN A 356 29.35 0.43 29.73
CA ASN A 356 28.95 1.65 30.42
C ASN A 356 27.57 1.48 31.02
N TYR A 357 26.64 0.90 30.25
CA TYR A 357 25.31 0.69 30.86
C TYR A 357 25.36 -0.29 32.02
N GLU A 358 26.15 -1.36 31.93
CA GLU A 358 26.28 -2.27 33.08
C GLU A 358 26.77 -1.55 34.32
N ARG A 359 27.71 -0.61 34.15
CA ARG A 359 28.21 0.13 35.33
C ARG A 359 27.09 1.00 35.92
N LEU A 360 26.30 1.64 35.05
CA LEU A 360 25.17 2.44 35.54
C LEU A 360 24.16 1.54 36.23
N PHE A 361 23.81 0.40 35.63
CA PHE A 361 22.83 -0.48 36.29
C PHE A 361 23.33 -0.95 37.66
N GLU A 362 24.61 -1.32 37.75
CA GLU A 362 25.09 -1.86 39.03
C GLU A 362 24.97 -0.79 40.10
N HIS A 363 25.36 0.43 39.77
CA HIS A 363 25.24 1.51 40.75
C HIS A 363 23.77 1.81 41.08
N ILE A 364 22.96 2.07 40.06
CA ILE A 364 21.57 2.46 40.26
C ILE A 364 20.79 1.41 41.05
N ASN A 365 20.97 0.15 40.69
CA ASN A 365 20.14 -0.88 41.31
C ASN A 365 20.51 -1.14 42.75
N SER A 366 21.75 -0.75 43.11
CA SER A 366 22.26 -1.02 44.47
C SER A 366 21.98 0.14 45.42
N GLN A 367 21.59 1.28 44.88
CA GLN A 367 21.37 2.49 45.67
C GLN A 367 19.89 2.71 45.89
N ALA A 368 19.44 2.36 47.09
CA ALA A 368 18.01 2.34 47.40
C ALA A 368 17.29 3.65 47.16
N HIS A 369 18.00 4.77 47.35
CA HIS A 369 17.40 6.07 47.25
C HIS A 369 16.80 6.37 45.86
N PHE A 370 17.30 5.68 44.82
CA PHE A 370 16.72 5.83 43.47
C PHE A 370 15.40 5.08 43.32
N ASN A 371 15.23 3.98 44.04
CA ASN A 371 14.04 3.15 43.91
C ASN A 371 13.79 2.75 42.47
N VAL A 372 14.88 2.36 41.84
CA VAL A 372 14.86 1.91 40.43
C VAL A 372 15.50 0.53 40.30
N GLN A 373 14.92 -0.32 39.43
CA GLN A 373 15.60 -1.54 39.01
C GLN A 373 15.67 -1.49 37.48
N ALA A 374 16.90 -1.35 36.97
CA ALA A 374 17.15 -1.17 35.51
C ALA A 374 17.92 -2.34 34.96
N GLN A 375 17.56 -2.77 33.75
CA GLN A 375 18.22 -3.93 33.14
C GLN A 375 18.02 -3.85 31.65
N PHE A 376 18.92 -4.51 30.90
CA PHE A 376 18.63 -4.72 29.48
C PHE A 376 17.38 -5.57 29.38
N GLY A 377 16.53 -5.24 28.43
CA GLY A 377 15.37 -6.08 28.19
C GLY A 377 15.02 -6.13 26.72
N THR A 378 13.96 -6.89 26.45
CA THR A 378 13.41 -6.95 25.09
C THR A 378 12.06 -6.27 25.12
N LEU A 379 11.52 -6.03 23.93
CA LEU A 379 10.22 -5.43 23.82
C LEU A 379 9.11 -6.25 24.47
N GLN A 380 9.12 -7.56 24.23
CA GLN A 380 8.09 -8.41 24.84
C GLN A 380 8.20 -8.34 26.35
N GLU A 381 9.41 -8.28 26.88
CA GLU A 381 9.57 -8.22 28.34
C GLU A 381 8.92 -6.95 28.88
N TYR A 382 9.08 -5.82 28.17
CA TYR A 382 8.45 -4.60 28.59
C TYR A 382 6.94 -4.77 28.61
N PHE A 383 6.35 -5.27 27.52
CA PHE A 383 4.88 -5.34 27.45
C PHE A 383 4.37 -6.32 28.49
N ASP A 384 5.10 -7.42 28.69
CA ASP A 384 4.64 -8.40 29.71
C ASP A 384 4.56 -7.72 31.07
N ALA A 385 5.57 -6.91 31.39
CA ALA A 385 5.62 -6.27 32.70
C ALA A 385 4.51 -5.20 32.79
N VAL A 386 4.27 -4.46 31.72
CA VAL A 386 3.18 -3.47 31.74
C VAL A 386 1.83 -4.14 32.02
N HIS A 387 1.56 -5.26 31.36
CA HIS A 387 0.27 -5.95 31.54
C HIS A 387 0.15 -6.61 32.91
N GLN A 388 1.27 -7.04 33.47
CA GLN A 388 1.27 -7.49 34.88
C GLN A 388 0.84 -6.36 35.79
N ALA A 389 1.37 -5.17 35.56
CA ALA A 389 0.96 -3.99 36.34
C ALA A 389 -0.53 -3.68 36.15
N GLU A 390 -1.00 -3.75 34.91
CA GLU A 390 -2.41 -3.55 34.62
C GLU A 390 -3.28 -4.57 35.37
N ARG A 391 -2.88 -5.85 35.30
CA ARG A 391 -3.61 -6.92 35.96
C ARG A 391 -3.62 -6.73 37.47
N ALA A 392 -2.57 -6.12 38.00
CA ALA A 392 -2.46 -5.81 39.44
C ALA A 392 -3.29 -4.58 39.84
N GLY A 393 -4.00 -3.98 38.88
CA GLY A 393 -4.88 -2.83 39.15
C GLY A 393 -4.15 -1.52 39.23
N GLN A 394 -2.91 -1.51 38.75
CA GLN A 394 -2.05 -0.35 38.88
C GLN A 394 -2.39 0.73 37.84
N ALA A 395 -3.02 0.33 36.74
CA ALA A 395 -3.36 1.24 35.67
C ALA A 395 -4.57 0.74 34.88
N GLU A 396 -5.33 1.67 34.32
CA GLU A 396 -6.30 1.33 33.28
C GLU A 396 -5.91 2.14 32.07
N PHE A 397 -6.10 1.58 30.89
CA PHE A 397 -5.67 2.28 29.71
C PHE A 397 -6.83 2.83 28.89
N PRO A 398 -6.62 3.99 28.27
CA PRO A 398 -7.67 4.57 27.41
C PRO A 398 -7.84 3.84 26.09
N THR A 399 -9.03 3.96 25.52
CA THR A 399 -9.35 3.39 24.19
C THR A 399 -9.21 4.52 23.18
N LEU A 400 -8.79 4.15 21.96
CA LEU A 400 -8.50 5.15 20.93
C LEU A 400 -8.90 4.60 19.59
N SER A 401 -9.47 5.45 18.74
CA SER A 401 -9.59 5.08 17.32
C SER A 401 -9.16 6.26 16.47
N GLY A 402 -8.84 5.97 15.21
CA GLY A 402 -8.38 6.97 14.25
C GLY A 402 -7.05 6.60 13.68
N ASP A 403 -6.46 7.55 12.98
CA ASP A 403 -5.13 7.34 12.40
C ASP A 403 -4.18 8.45 12.82
N PHE A 404 -2.95 8.35 12.35
CA PHE A 404 -1.93 9.31 12.69
C PHE A 404 -1.27 9.85 11.44
N PHE A 405 -2.11 10.33 10.53
CA PHE A 405 -1.71 11.12 9.36
C PHE A 405 -2.40 12.47 9.47
N THR A 406 -1.76 13.55 8.96
CA THR A 406 -0.44 13.56 8.35
C THR A 406 0.62 13.99 9.35
N TYR A 407 1.74 13.26 9.37
CA TYR A 407 2.82 13.49 10.29
C TYR A 407 3.54 14.80 10.00
N ALA A 408 3.88 15.52 11.05
CA ALA A 408 4.90 16.56 10.99
C ALA A 408 5.87 16.29 12.13
N ASP A 409 7.17 16.37 11.87
CA ASP A 409 8.16 16.17 12.91
C ASP A 409 8.54 17.50 13.60
N ARG A 410 8.32 18.61 12.90
CA ARG A 410 8.58 19.96 13.47
C ARG A 410 7.94 21.04 12.65
N SER A 411 7.65 22.16 13.32
CA SER A 411 7.09 23.35 12.66
C SER A 411 5.94 23.00 11.69
N ASP A 412 6.02 23.49 10.45
CA ASP A 412 5.00 23.22 9.44
C ASP A 412 5.51 22.19 8.43
N ASN A 413 6.51 21.39 8.84
CA ASN A 413 7.11 20.41 7.92
C ASN A 413 6.28 19.12 7.98
N TYR A 414 5.20 19.13 7.20
CA TYR A 414 4.32 17.97 7.04
C TYR A 414 4.80 17.03 5.95
N TRP A 415 4.78 15.74 6.26
CA TRP A 415 5.37 14.70 5.39
C TRP A 415 4.29 14.19 4.45
N SER A 416 3.71 15.08 3.67
CA SER A 416 2.73 14.68 2.68
C SER A 416 3.33 14.54 1.27
N GLY A 417 4.60 14.91 1.11
CA GLY A 417 5.22 14.79 -0.22
C GLY A 417 5.30 13.33 -0.63
N TYR A 418 5.66 12.48 0.33
CA TYR A 418 5.95 11.07 -0.04
C TYR A 418 4.67 10.30 -0.37
N TYR A 419 3.50 10.93 -0.23
CA TYR A 419 2.29 10.30 -0.72
C TYR A 419 2.32 10.23 -2.25
N THR A 420 3.17 11.05 -2.88
CA THR A 420 3.22 11.06 -4.34
C THR A 420 4.60 10.77 -4.91
N SER A 421 5.67 10.99 -4.15
CA SER A 421 7.04 10.86 -4.70
C SER A 421 7.27 9.56 -5.47
N ARG A 422 7.96 9.64 -6.62
CA ARG A 422 8.26 8.46 -7.48
C ARG A 422 6.96 7.69 -7.80
N PRO A 423 6.01 8.35 -8.45
CA PRO A 423 4.71 7.73 -8.70
C PRO A 423 4.76 6.56 -9.69
N TYR A 424 5.79 6.49 -10.54
CA TYR A 424 5.88 5.33 -11.43
C TYR A 424 5.98 4.07 -10.64
N HIS A 425 6.77 4.13 -9.56
CA HIS A 425 6.96 2.92 -8.76
C HIS A 425 5.78 2.64 -7.83
N LYS A 426 5.11 3.70 -7.42
CA LYS A 426 3.86 3.49 -6.71
C LYS A 426 2.82 2.78 -7.57
N ARG A 427 2.72 3.15 -8.84
CA ARG A 427 1.81 2.42 -9.72
C ARG A 427 2.31 0.97 -9.97
N MET A 428 3.61 0.82 -10.13
CA MET A 428 4.14 -0.53 -10.35
C MET A 428 3.82 -1.44 -9.15
N ASP A 429 3.88 -0.89 -7.93
CA ASP A 429 3.49 -1.67 -6.74
C ASP A 429 2.10 -2.29 -6.91
N ARG A 430 1.13 -1.53 -7.40
CA ARG A 430 -0.19 -2.06 -7.50
C ARG A 430 -0.31 -3.09 -8.63
N VAL A 431 0.46 -2.88 -9.70
CA VAL A 431 0.46 -3.88 -10.78
C VAL A 431 1.05 -5.21 -10.24
N LEU A 432 2.20 -5.12 -9.59
CA LEU A 432 2.84 -6.36 -9.10
C LEU A 432 1.93 -6.99 -8.03
N MET A 433 1.25 -6.15 -7.22
CA MET A 433 0.35 -6.71 -6.18
C MET A 433 -0.63 -7.69 -6.83
N HIS A 434 -1.23 -7.25 -7.92
CA HIS A 434 -2.24 -8.06 -8.58
C HIS A 434 -1.61 -9.28 -9.23
N TYR A 435 -0.45 -9.10 -9.87
CA TYR A 435 0.17 -10.26 -10.52
C TYR A 435 0.64 -11.30 -9.52
N VAL A 436 1.07 -10.87 -8.33
CA VAL A 436 1.40 -11.89 -7.32
C VAL A 436 0.14 -12.67 -6.92
N ARG A 437 -0.93 -11.94 -6.70
CA ARG A 437 -2.18 -12.62 -6.30
C ARG A 437 -2.62 -13.58 -7.38
N ALA A 438 -2.56 -13.16 -8.65
CA ALA A 438 -3.04 -13.99 -9.73
C ALA A 438 -2.13 -15.20 -9.96
N ALA A 439 -0.81 -15.00 -9.82
CA ALA A 439 0.11 -16.13 -10.00
C ALA A 439 -0.06 -17.17 -8.88
N GLU A 440 -0.21 -16.69 -7.64
CA GLU A 440 -0.38 -17.64 -6.54
C GLU A 440 -1.72 -18.38 -6.70
N MET A 441 -2.77 -17.68 -7.12
CA MET A 441 -4.06 -18.28 -7.25
C MET A 441 -4.07 -19.28 -8.42
N LEU A 442 -3.62 -18.83 -9.58
CA LEU A 442 -3.68 -19.72 -10.73
C LEU A 442 -2.90 -21.01 -10.50
N SER A 443 -1.75 -20.90 -9.83
CA SER A 443 -0.90 -22.09 -9.65
C SER A 443 -1.35 -22.92 -8.48
N ALA A 444 -2.20 -22.36 -7.63
CA ALA A 444 -2.63 -23.06 -6.42
C ALA A 444 -3.52 -24.26 -6.75
N TRP A 445 -4.19 -24.24 -7.90
CA TRP A 445 -5.17 -25.29 -8.21
C TRP A 445 -4.56 -26.66 -8.36
N HIS A 446 -3.28 -26.71 -8.70
CA HIS A 446 -2.55 -27.99 -8.83
C HIS A 446 -1.34 -28.03 -7.93
N SER A 447 -0.89 -29.26 -7.69
CA SER A 447 0.41 -29.50 -7.15
C SER A 447 1.36 -29.57 -8.33
N TRP A 448 2.54 -28.98 -8.20
CA TRP A 448 3.50 -28.90 -9.29
C TRP A 448 4.78 -29.66 -8.99
N ASP A 449 5.28 -30.41 -9.98
CA ASP A 449 6.58 -31.01 -9.88
C ASP A 449 7.64 -29.98 -9.55
N GLY A 450 8.62 -30.34 -8.75
CA GLY A 450 9.71 -29.42 -8.45
C GLY A 450 10.39 -28.87 -9.68
N MET A 451 10.38 -29.64 -10.77
CA MET A 451 11.04 -29.16 -11.99
C MET A 451 10.36 -27.94 -12.60
N ALA A 452 9.10 -27.70 -12.21
CA ALA A 452 8.35 -26.56 -12.77
C ALA A 452 8.84 -25.22 -12.17
N ARG A 453 9.56 -25.32 -11.06
CA ARG A 453 10.13 -24.17 -10.36
C ARG A 453 9.06 -23.16 -9.95
N ILE A 454 7.86 -23.63 -9.70
CA ILE A 454 6.74 -22.71 -9.34
C ILE A 454 7.03 -22.06 -8.01
N GLU A 455 7.36 -22.86 -7.00
CA GLU A 455 7.62 -22.31 -5.66
C GLU A 455 8.73 -21.30 -5.69
N GLU A 456 9.78 -21.59 -6.44
CA GLU A 456 10.93 -20.72 -6.53
C GLU A 456 10.51 -19.36 -7.10
N ARG A 457 9.76 -19.40 -8.19
CA ARG A 457 9.40 -18.14 -8.83
C ARG A 457 8.42 -17.35 -7.99
N LEU A 458 7.48 -18.03 -7.33
CA LEU A 458 6.54 -17.32 -6.45
C LEU A 458 7.26 -16.74 -5.26
N GLU A 459 8.23 -17.43 -4.70
CA GLU A 459 8.96 -16.88 -3.54
C GLU A 459 9.71 -15.63 -3.94
N GLN A 460 10.34 -15.65 -5.11
CA GLN A 460 11.07 -14.45 -5.56
C GLN A 460 10.09 -13.30 -5.73
N ALA A 461 8.94 -13.56 -6.36
CA ALA A 461 7.99 -12.46 -6.59
C ALA A 461 7.44 -11.91 -5.27
N ARG A 462 7.08 -12.78 -4.34
CA ARG A 462 6.55 -12.29 -3.05
C ARG A 462 7.63 -11.51 -2.36
N ARG A 463 8.89 -11.96 -2.42
CA ARG A 463 9.94 -11.26 -1.67
C ARG A 463 10.28 -9.91 -2.25
N GLU A 464 10.28 -9.78 -3.58
CA GLU A 464 10.56 -8.47 -4.15
C GLU A 464 9.43 -7.49 -3.91
N LEU A 465 8.19 -7.94 -3.99
CA LEU A 465 7.10 -7.04 -3.66
C LEU A 465 7.12 -6.70 -2.18
N SER A 466 7.42 -7.69 -1.34
CA SER A 466 7.48 -7.43 0.09
C SER A 466 8.57 -6.42 0.40
N LEU A 467 9.73 -6.53 -0.25
CA LEU A 467 10.81 -5.61 0.04
C LEU A 467 10.37 -4.17 -0.27
N PHE A 468 9.61 -4.04 -1.36
CA PHE A 468 9.22 -2.71 -1.79
C PHE A 468 8.27 -2.04 -0.80
N GLN A 469 7.68 -2.80 0.10
CA GLN A 469 6.76 -2.16 1.05
C GLN A 469 7.54 -1.41 2.12
N HIS A 470 8.86 -1.54 2.12
CA HIS A 470 9.70 -0.78 3.02
C HIS A 470 9.32 0.71 3.00
N HIS A 471 9.50 1.39 4.13
CA HIS A 471 9.21 2.80 4.24
C HIS A 471 10.16 3.74 3.51
N ASP A 472 11.14 3.20 2.77
CA ASP A 472 11.85 4.00 1.72
C ASP A 472 11.68 3.41 0.33
N GLY A 473 10.77 2.44 0.19
CA GLY A 473 10.52 1.81 -1.10
C GLY A 473 9.38 2.50 -1.77
N ILE A 474 8.19 2.00 -1.50
CA ILE A 474 6.97 2.55 -2.08
C ILE A 474 6.79 4.04 -1.80
N THR A 475 7.38 4.52 -0.72
CA THR A 475 7.27 5.92 -0.37
C THR A 475 7.99 6.86 -1.35
N GLY A 476 8.89 6.32 -2.18
CA GLY A 476 9.66 7.20 -3.07
C GLY A 476 10.68 8.07 -2.37
N THR A 477 11.20 7.62 -1.23
CA THR A 477 12.18 8.41 -0.48
C THR A 477 13.60 7.84 -0.51
N ALA A 478 13.92 7.02 -1.51
CA ALA A 478 15.28 6.46 -1.60
C ALA A 478 16.12 7.21 -2.64
N LYS A 479 17.41 6.96 -2.58
CA LYS A 479 18.28 7.57 -3.61
C LYS A 479 17.96 7.01 -4.99
N THR A 480 18.27 7.78 -6.01
CA THR A 480 17.96 7.37 -7.37
C THR A 480 18.44 5.96 -7.69
N HIS A 481 19.66 5.61 -7.29
CA HIS A 481 20.15 4.28 -7.68
C HIS A 481 19.45 3.17 -6.94
N VAL A 482 18.91 3.53 -5.78
CA VAL A 482 18.17 2.55 -4.99
C VAL A 482 16.76 2.35 -5.57
N VAL A 483 16.13 3.42 -6.04
CA VAL A 483 14.87 3.30 -6.75
C VAL A 483 15.06 2.38 -7.95
N VAL A 484 16.17 2.55 -8.66
CA VAL A 484 16.47 1.68 -9.80
C VAL A 484 16.56 0.21 -9.35
N ASP A 485 17.24 -0.03 -8.24
CA ASP A 485 17.32 -1.42 -7.74
C ASP A 485 15.93 -1.97 -7.44
N TYR A 486 15.10 -1.19 -6.78
CA TYR A 486 13.77 -1.70 -6.51
C TYR A 486 12.98 -1.97 -7.79
N GLU A 487 13.12 -1.09 -8.78
CA GLU A 487 12.39 -1.28 -10.03
C GLU A 487 12.86 -2.54 -10.73
N GLN A 488 14.17 -2.76 -10.74
CA GLN A 488 14.69 -3.96 -11.42
C GLN A 488 14.18 -5.20 -10.73
N ARG A 489 14.18 -5.19 -9.38
CA ARG A 489 13.67 -6.33 -8.63
C ARG A 489 12.20 -6.57 -8.94
N MET A 490 11.40 -5.50 -8.99
CA MET A 490 10.00 -5.69 -9.31
C MET A 490 9.78 -6.17 -10.75
N GLN A 491 10.63 -5.74 -11.68
CA GLN A 491 10.53 -6.21 -13.06
C GLN A 491 10.78 -7.71 -13.12
N GLU A 492 11.77 -8.17 -12.38
CA GLU A 492 12.01 -9.63 -12.34
C GLU A 492 10.85 -10.37 -11.67
N ALA A 493 10.27 -9.73 -10.67
CA ALA A 493 9.10 -10.33 -10.06
C ALA A 493 7.93 -10.46 -11.02
N LEU A 494 7.69 -9.42 -11.83
CA LEU A 494 6.64 -9.50 -12.82
C LEU A 494 6.87 -10.63 -13.83
N LYS A 495 8.12 -10.78 -14.26
CA LYS A 495 8.46 -11.90 -15.16
C LYS A 495 8.21 -13.24 -14.51
N ALA A 496 8.55 -13.34 -13.23
CA ALA A 496 8.31 -14.59 -12.52
C ALA A 496 6.81 -14.86 -12.46
N CYS A 497 6.02 -13.82 -12.17
CA CYS A 497 4.58 -14.02 -12.13
C CYS A 497 4.04 -14.45 -13.48
N GLN A 498 4.47 -13.79 -14.54
CA GLN A 498 3.99 -14.16 -15.87
C GLN A 498 4.32 -15.63 -16.15
N MET A 499 5.53 -16.07 -15.83
CA MET A 499 5.91 -17.45 -16.09
C MET A 499 4.99 -18.43 -15.38
N VAL A 500 4.76 -18.19 -14.10
CA VAL A 500 3.86 -19.07 -13.36
C VAL A 500 2.44 -19.04 -13.88
N MET A 501 1.93 -17.84 -14.14
CA MET A 501 0.58 -17.69 -14.67
C MET A 501 0.40 -18.46 -15.97
N GLN A 502 1.34 -18.26 -16.88
CA GLN A 502 1.13 -18.83 -18.22
C GLN A 502 1.26 -20.35 -18.21
N GLN A 503 2.19 -20.87 -17.42
CA GLN A 503 2.20 -22.35 -17.27
C GLN A 503 0.92 -22.85 -16.66
N SER A 504 0.38 -22.10 -15.68
CA SER A 504 -0.86 -22.52 -15.03
C SER A 504 -2.05 -22.52 -16.00
N VAL A 505 -2.16 -21.47 -16.81
CA VAL A 505 -3.28 -21.41 -17.78
C VAL A 505 -3.17 -22.61 -18.73
N TYR A 506 -1.97 -22.89 -19.20
CA TYR A 506 -1.80 -24.01 -20.15
C TYR A 506 -2.28 -25.33 -19.53
N ARG A 507 -1.95 -25.52 -18.26
CA ARG A 507 -2.42 -26.71 -17.59
C ARG A 507 -3.92 -26.74 -17.28
N LEU A 508 -4.48 -25.59 -16.88
CA LEU A 508 -5.86 -25.56 -16.53
C LEU A 508 -6.80 -25.70 -17.74
N LEU A 509 -6.31 -25.34 -18.93
CA LEU A 509 -7.19 -25.32 -20.11
C LEU A 509 -6.75 -26.29 -21.21
N THR A 510 -5.97 -27.31 -20.86
CA THR A 510 -5.60 -28.30 -21.90
C THR A 510 -6.15 -29.63 -21.42
N LYS A 511 -6.78 -30.35 -22.34
CA LYS A 511 -7.26 -31.71 -22.04
C LYS A 511 -6.15 -32.51 -21.34
N PRO A 512 -6.46 -33.12 -20.16
CA PRO A 512 -5.35 -33.75 -19.41
C PRO A 512 -4.52 -34.80 -20.13
N SER A 513 -5.14 -35.61 -20.99
CA SER A 513 -4.37 -36.63 -21.68
C SER A 513 -3.58 -36.09 -22.86
N ILE A 514 -3.68 -34.77 -23.11
CA ILE A 514 -2.92 -34.13 -24.19
C ILE A 514 -1.84 -33.21 -23.58
N TYR A 515 -2.12 -32.74 -22.39
CA TYR A 515 -1.22 -31.80 -21.70
C TYR A 515 0.22 -32.32 -21.67
N SER A 516 1.12 -31.57 -22.28
CA SER A 516 2.51 -32.01 -22.42
C SER A 516 3.49 -30.85 -22.19
N PRO A 517 3.64 -30.46 -20.92
CA PRO A 517 4.41 -29.27 -20.64
C PRO A 517 5.90 -29.44 -20.76
N ASP A 518 6.52 -28.39 -21.23
CA ASP A 518 7.92 -28.13 -20.96
C ASP A 518 7.93 -26.89 -20.08
N PHE A 519 8.49 -27.05 -18.88
CA PHE A 519 8.34 -26.05 -17.84
C PHE A 519 9.16 -24.78 -18.09
N SER A 520 9.94 -24.81 -19.17
CA SER A 520 10.71 -23.66 -19.61
C SER A 520 10.03 -22.90 -20.75
N PHE A 521 9.00 -23.50 -21.33
CA PHE A 521 8.41 -22.90 -22.52
CA PHE A 521 8.35 -22.96 -22.53
C PHE A 521 7.42 -21.79 -22.19
N SER A 522 7.25 -20.86 -23.14
CA SER A 522 6.24 -19.81 -23.04
CA SER A 522 6.24 -19.80 -23.04
C SER A 522 5.03 -20.17 -23.90
N TYR A 523 3.99 -20.68 -23.26
CA TYR A 523 2.77 -21.04 -23.96
C TYR A 523 1.87 -19.85 -24.22
N PHE A 524 1.89 -18.88 -23.29
CA PHE A 524 1.16 -17.64 -23.46
C PHE A 524 2.03 -16.49 -23.05
N THR A 525 1.72 -15.31 -23.58
CA THR A 525 2.31 -14.10 -23.04
C THR A 525 1.19 -13.24 -22.51
N LEU A 526 1.47 -12.50 -21.44
CA LEU A 526 0.50 -11.58 -20.90
C LEU A 526 0.43 -10.34 -21.77
N ASP A 527 -0.77 -9.80 -21.89
CA ASP A 527 -0.97 -8.56 -22.57
C ASP A 527 -1.56 -7.61 -21.52
N ASP A 528 -0.92 -6.50 -21.26
CA ASP A 528 -1.44 -5.59 -20.25
C ASP A 528 -1.61 -4.22 -20.89
N SER A 529 -2.85 -3.75 -20.94
CA SER A 529 -3.17 -2.48 -21.59
C SER A 529 -2.76 -1.26 -20.78
N ARG A 530 -2.53 -1.46 -19.48
CA ARG A 530 -2.36 -0.31 -18.62
C ARG A 530 -1.06 -0.30 -17.87
N TRP A 531 -0.15 -1.22 -18.15
CA TRP A 531 1.18 -1.16 -17.56
C TRP A 531 2.20 -1.75 -18.52
N PRO A 532 3.32 -1.04 -18.76
CA PRO A 532 3.61 0.32 -18.30
C PRO A 532 2.71 1.39 -18.90
N GLY A 533 2.01 1.06 -19.98
CA GLY A 533 1.01 1.95 -20.55
C GLY A 533 1.51 2.62 -21.80
N SER A 534 0.55 2.94 -22.68
CA SER A 534 0.81 3.59 -23.96
C SER A 534 1.50 4.92 -23.67
N GLY A 535 2.60 5.20 -24.41
CA GLY A 535 3.41 6.40 -24.17
C GLY A 535 4.42 6.27 -23.02
N VAL A 536 4.42 5.09 -22.38
CA VAL A 536 5.36 4.79 -21.33
C VAL A 536 6.35 3.75 -21.87
N GLU A 537 5.80 2.71 -22.50
CA GLU A 537 6.59 1.65 -23.10
C GLU A 537 5.76 0.99 -24.20
N ASP A 538 6.32 0.88 -25.41
CA ASP A 538 5.67 0.07 -26.46
C ASP A 538 6.08 -1.38 -26.20
N SER A 539 5.39 -2.01 -25.26
CA SER A 539 5.75 -3.37 -24.86
C SER A 539 4.74 -4.39 -25.35
N ARG A 540 3.55 -3.91 -25.74
CA ARG A 540 2.44 -4.77 -26.14
C ARG A 540 2.65 -5.45 -27.48
N THR A 541 2.41 -6.76 -27.49
CA THR A 541 2.55 -7.57 -28.68
C THR A 541 1.32 -7.38 -29.56
N THR A 542 1.56 -7.37 -30.85
CA THR A 542 0.48 -7.36 -31.79
C THR A 542 0.17 -8.79 -32.20
N ILE A 543 -1.11 -9.13 -32.19
CA ILE A 543 -1.50 -10.43 -32.72
C ILE A 543 -1.48 -10.33 -34.27
N ILE A 544 -0.64 -11.15 -34.90
CA ILE A 544 -0.43 -11.06 -36.33
C ILE A 544 -1.18 -12.16 -37.01
N LEU A 545 -2.17 -11.75 -37.81
CA LEU A 545 -3.06 -12.68 -38.48
C LEU A 545 -3.03 -12.34 -39.95
N GLY A 546 -3.31 -13.32 -40.79
CA GLY A 546 -3.39 -13.03 -42.23
C GLY A 546 -3.79 -14.28 -42.94
N GLU A 547 -4.47 -14.11 -44.06
CA GLU A 547 -4.95 -15.24 -44.84
C GLU A 547 -3.81 -16.17 -45.27
N ASP A 548 -2.62 -15.60 -45.47
CA ASP A 548 -1.46 -16.40 -45.91
C ASP A 548 -0.52 -16.79 -44.77
N ILE A 549 -0.92 -16.62 -43.52
CA ILE A 549 0.00 -16.92 -42.41
C ILE A 549 -0.66 -17.61 -41.23
N LEU A 550 -1.76 -17.05 -40.76
CA LEU A 550 -2.37 -17.56 -39.54
C LEU A 550 -3.73 -16.91 -39.48
N PRO A 551 -4.80 -17.70 -39.64
CA PRO A 551 -6.12 -17.08 -39.65
C PRO A 551 -6.68 -16.68 -38.29
N SER A 552 -6.23 -17.31 -37.22
CA SER A 552 -6.86 -17.03 -35.94
C SER A 552 -5.92 -17.23 -34.79
N LYS A 553 -6.37 -16.73 -33.63
CA LYS A 553 -5.56 -16.78 -32.41
C LYS A 553 -6.43 -16.93 -31.20
N HIS A 554 -6.02 -17.86 -30.32
CA HIS A 554 -6.70 -18.00 -29.03
C HIS A 554 -6.18 -17.01 -28.02
N VAL A 555 -7.11 -16.41 -27.27
CA VAL A 555 -6.74 -15.58 -26.14
C VAL A 555 -7.53 -16.05 -24.91
N VAL A 556 -6.99 -15.82 -23.70
CA VAL A 556 -7.62 -16.34 -22.50
C VAL A 556 -7.61 -15.24 -21.46
N MET A 557 -8.74 -15.07 -20.81
CA MET A 557 -8.83 -14.10 -19.70
C MET A 557 -8.95 -14.82 -18.40
N HIS A 558 -8.28 -14.29 -17.37
CA HIS A 558 -8.41 -14.81 -16.02
C HIS A 558 -9.11 -13.79 -15.15
N ASN A 559 -9.95 -14.26 -14.24
CA ASN A 559 -10.67 -13.43 -13.33
C ASN A 559 -10.37 -13.85 -11.89
N THR A 560 -9.53 -13.08 -11.19
CA THR A 560 -9.08 -13.51 -9.86
C THR A 560 -10.18 -13.33 -8.81
N LEU A 561 -11.24 -12.58 -9.13
CA LEU A 561 -12.30 -12.32 -8.15
C LEU A 561 -13.31 -13.46 -8.08
N PRO A 562 -13.86 -13.71 -6.90
CA PRO A 562 -14.76 -14.85 -6.72
C PRO A 562 -16.20 -14.59 -7.14
N HIS A 563 -16.40 -13.86 -8.23
CA HIS A 563 -17.75 -13.75 -8.79
C HIS A 563 -17.62 -13.68 -10.28
N TRP A 564 -18.68 -14.05 -10.99
CA TRP A 564 -18.68 -13.92 -12.46
C TRP A 564 -18.41 -12.48 -12.79
N ARG A 565 -17.59 -12.25 -13.81
CA ARG A 565 -17.29 -10.87 -14.17
C ARG A 565 -17.24 -10.68 -15.67
N GLU A 566 -17.86 -9.60 -16.10
CA GLU A 566 -17.65 -9.11 -17.45
C GLU A 566 -16.79 -7.85 -17.43
N GLN A 567 -15.91 -7.74 -18.41
CA GLN A 567 -15.10 -6.54 -18.58
C GLN A 567 -14.70 -6.44 -20.03
N LEU A 568 -14.68 -5.23 -20.56
CA LEU A 568 -14.12 -5.07 -21.90
C LEU A 568 -12.64 -5.32 -21.83
N VAL A 569 -12.14 -6.04 -22.83
CA VAL A 569 -10.71 -6.29 -22.96
C VAL A 569 -10.30 -5.86 -24.37
N ASP A 570 -9.05 -5.47 -24.52
CA ASP A 570 -8.56 -5.03 -25.82
C ASP A 570 -7.25 -5.70 -26.17
N PHE A 571 -7.07 -5.95 -27.45
CA PHE A 571 -5.83 -6.51 -27.98
C PHE A 571 -5.42 -5.72 -29.20
N TYR A 572 -4.13 -5.69 -29.48
CA TYR A 572 -3.63 -5.14 -30.74
C TYR A 572 -3.60 -6.27 -31.76
N VAL A 573 -4.06 -5.93 -32.97
CA VAL A 573 -4.14 -6.92 -34.06
C VAL A 573 -3.65 -6.26 -35.33
N SER A 574 -3.19 -7.09 -36.25
CA SER A 574 -2.53 -6.60 -37.47
C SER A 574 -3.50 -6.23 -38.60
N SER A 575 -4.78 -6.47 -38.40
CA SER A 575 -5.82 -6.10 -39.38
C SER A 575 -7.04 -5.56 -38.65
N PRO A 576 -7.76 -4.60 -39.26
CA PRO A 576 -9.02 -4.15 -38.68
C PRO A 576 -10.15 -5.16 -38.87
N PHE A 577 -9.92 -6.17 -39.71
CA PHE A 577 -11.02 -7.03 -40.08
C PHE A 577 -10.95 -8.31 -39.28
N VAL A 578 -11.30 -8.19 -38.01
CA VAL A 578 -11.14 -9.31 -37.06
C VAL A 578 -12.46 -9.50 -36.38
N SER A 579 -12.83 -10.77 -36.20
CA SER A 579 -14.07 -11.12 -35.53
C SER A 579 -13.73 -11.97 -34.31
N VAL A 580 -14.61 -11.94 -33.33
CA VAL A 580 -14.38 -12.62 -32.06
C VAL A 580 -15.44 -13.67 -31.85
N THR A 581 -15.01 -14.84 -31.40
CA THR A 581 -15.93 -15.91 -31.00
C THR A 581 -15.53 -16.46 -29.64
N ASP A 582 -16.47 -17.05 -28.92
CA ASP A 582 -16.14 -17.79 -27.70
C ASP A 582 -15.83 -19.24 -28.08
N LEU A 583 -15.55 -20.13 -27.12
CA LEU A 583 -15.14 -21.44 -27.58
C LEU A 583 -16.29 -22.39 -27.82
N ALA A 584 -17.51 -21.84 -27.91
CA ALA A 584 -18.62 -22.59 -28.51
C ALA A 584 -18.89 -22.03 -29.90
N ASN A 585 -18.00 -21.15 -30.34
CA ASN A 585 -18.09 -20.56 -31.69
C ASN A 585 -19.25 -19.59 -31.83
N ASN A 586 -19.71 -19.07 -30.68
CA ASN A 586 -20.73 -18.03 -30.66
C ASN A 586 -20.05 -16.72 -30.99
N PRO A 587 -20.61 -15.96 -31.93
CA PRO A 587 -20.07 -14.62 -32.19
C PRO A 587 -20.13 -13.74 -30.94
N VAL A 588 -19.13 -12.87 -30.82
CA VAL A 588 -19.04 -11.93 -29.71
C VAL A 588 -18.91 -10.54 -30.33
N GLU A 589 -19.78 -9.62 -29.90
CA GLU A 589 -19.73 -8.27 -30.44
C GLU A 589 -18.39 -7.61 -30.13
N ALA A 590 -17.79 -7.00 -31.14
CA ALA A 590 -16.49 -6.39 -30.95
C ALA A 590 -16.48 -5.01 -31.57
N GLN A 591 -15.52 -4.21 -31.15
CA GLN A 591 -15.30 -2.87 -31.72
C GLN A 591 -13.83 -2.74 -32.05
N VAL A 592 -13.54 -2.25 -33.24
CA VAL A 592 -12.17 -1.97 -33.62
C VAL A 592 -11.96 -0.46 -33.64
N SER A 593 -10.81 -0.02 -33.10
CA SER A 593 -10.43 1.38 -33.00
C SER A 593 -9.01 1.48 -33.50
N PRO A 594 -8.58 2.68 -33.89
CA PRO A 594 -7.17 2.83 -34.23
C PRO A 594 -6.26 2.71 -33.00
N VAL A 595 -4.95 2.54 -33.22
CA VAL A 595 -3.96 2.66 -32.15
C VAL A 595 -3.39 4.08 -32.23
N TRP A 596 -3.76 4.89 -31.26
CA TRP A 596 -3.30 6.26 -31.19
C TRP A 596 -2.17 6.42 -30.20
N SER A 597 -1.13 7.13 -30.60
CA SER A 597 -0.04 7.48 -29.69
C SER A 597 0.16 8.96 -29.79
N TRP A 598 0.57 9.54 -28.67
CA TRP A 598 0.73 10.97 -28.57
C TRP A 598 2.21 11.30 -28.58
N HIS A 599 2.53 12.40 -29.23
CA HIS A 599 3.91 12.81 -29.38
C HIS A 599 4.02 14.30 -29.24
N HIS A 600 5.13 14.74 -28.64
CA HIS A 600 5.46 16.14 -28.60
C HIS A 600 6.17 16.42 -29.91
N ASP A 601 5.45 17.08 -30.80
CA ASP A 601 5.96 17.43 -32.11
C ASP A 601 6.78 18.71 -31.98
N THR A 602 8.11 18.57 -31.88
CA THR A 602 8.99 19.74 -31.76
C THR A 602 9.02 20.60 -33.03
N LEU A 603 8.62 20.04 -34.17
CA LEU A 603 8.49 20.84 -35.39
C LEU A 603 7.33 21.83 -35.28
N THR A 604 6.15 21.35 -34.90
CA THR A 604 4.97 22.21 -34.77
C THR A 604 4.75 22.80 -33.37
N LYS A 605 5.53 22.34 -32.39
CA LYS A 605 5.34 22.70 -30.97
C LYS A 605 3.92 22.42 -30.49
N THR A 606 3.42 21.25 -30.87
CA THR A 606 2.13 20.79 -30.37
C THR A 606 2.28 19.39 -29.82
N ILE A 607 1.35 19.01 -28.96
CA ILE A 607 1.22 17.63 -28.48
C ILE A 607 0.02 17.08 -29.22
N HIS A 608 0.26 16.10 -30.11
CA HIS A 608 -0.80 15.60 -30.95
C HIS A 608 -0.71 14.10 -31.21
N PRO A 609 -1.84 13.49 -31.57
CA PRO A 609 -1.86 12.05 -31.77
C PRO A 609 -1.49 11.60 -33.18
N GLN A 610 -0.77 10.48 -33.22
CA GLN A 610 -0.47 9.80 -34.48
C GLN A 610 -1.22 8.46 -34.45
N GLY A 611 -1.82 8.09 -35.58
CA GLY A 611 -2.51 6.81 -35.72
C GLY A 611 -1.59 5.81 -36.38
N SER A 612 -1.54 4.60 -35.83
CA SER A 612 -0.77 3.53 -36.46
C SER A 612 -1.36 3.19 -37.81
N THR A 613 -0.48 2.81 -38.73
CA THR A 613 -0.88 2.34 -40.05
C THR A 613 -0.55 0.85 -40.19
N THR A 614 -0.10 0.22 -39.11
CA THR A 614 0.32 -1.17 -39.16
C THR A 614 -0.35 -2.07 -38.10
N LYS A 615 -1.13 -1.47 -37.17
CA LYS A 615 -1.87 -2.25 -36.15
C LYS A 615 -3.15 -1.54 -35.66
N TYR A 616 -4.07 -2.30 -35.07
CA TYR A 616 -5.40 -1.75 -34.70
C TYR A 616 -5.81 -2.37 -33.38
N ARG A 617 -6.76 -1.75 -32.69
CA ARG A 617 -7.22 -2.27 -31.39
C ARG A 617 -8.56 -2.95 -31.57
N ILE A 618 -8.69 -4.14 -31.02
CA ILE A 618 -9.97 -4.79 -30.99
C ILE A 618 -10.44 -4.93 -29.55
N ILE A 619 -11.70 -4.62 -29.32
CA ILE A 619 -12.25 -4.57 -27.96
C ILE A 619 -13.50 -5.42 -27.92
N PHE A 620 -13.67 -6.21 -26.86
CA PHE A 620 -14.89 -6.98 -26.73
C PHE A 620 -15.12 -7.27 -25.27
N LYS A 621 -16.34 -7.65 -24.92
CA LYS A 621 -16.65 -7.97 -23.56
C LYS A 621 -16.33 -9.43 -23.27
N ALA A 622 -15.39 -9.67 -22.34
CA ALA A 622 -15.10 -11.04 -21.89
C ALA A 622 -15.95 -11.31 -20.65
N ARG A 623 -16.48 -12.52 -20.58
CA ARG A 623 -17.25 -12.98 -19.42
C ARG A 623 -16.51 -14.17 -18.85
N VAL A 624 -16.15 -14.04 -17.57
CA VAL A 624 -15.20 -14.99 -16.95
C VAL A 624 -15.70 -15.51 -15.62
N PRO A 625 -15.58 -16.85 -15.41
CA PRO A 625 -16.09 -17.40 -14.17
C PRO A 625 -15.38 -16.86 -12.94
N PRO A 626 -15.95 -17.13 -11.78
CA PRO A 626 -15.32 -16.75 -10.52
C PRO A 626 -13.99 -17.47 -10.41
N MET A 627 -12.92 -16.73 -10.12
CA MET A 627 -11.58 -17.36 -9.95
C MET A 627 -11.29 -18.30 -11.09
N GLY A 628 -11.65 -17.86 -12.30
CA GLY A 628 -11.65 -18.77 -13.45
C GLY A 628 -11.05 -18.19 -14.72
N LEU A 629 -11.24 -18.95 -15.81
CA LEU A 629 -10.62 -18.63 -17.10
C LEU A 629 -11.63 -18.79 -18.20
N ALA A 630 -11.50 -17.93 -19.20
CA ALA A 630 -12.39 -18.07 -20.39
C ALA A 630 -11.59 -17.84 -21.65
N THR A 631 -11.85 -18.67 -22.67
CA THR A 631 -11.07 -18.65 -23.91
C THR A 631 -11.91 -18.05 -25.03
N TYR A 632 -11.29 -17.16 -25.79
CA TYR A 632 -11.92 -16.60 -26.97
C TYR A 632 -10.98 -16.76 -28.15
N VAL A 633 -11.54 -16.55 -29.35
CA VAL A 633 -10.76 -16.71 -30.57
C VAL A 633 -10.93 -15.46 -31.45
N LEU A 634 -9.82 -14.96 -31.97
CA LEU A 634 -9.80 -13.81 -32.87
C LEU A 634 -9.49 -14.34 -34.24
N THR A 635 -10.36 -14.03 -35.23
CA THR A 635 -10.19 -14.58 -36.57
C THR A 635 -10.21 -13.46 -37.61
N ILE A 636 -9.31 -13.54 -38.58
CA ILE A 636 -9.25 -12.46 -39.57
C ILE A 636 -10.24 -12.77 -40.69
N SER A 637 -10.69 -11.72 -41.36
CA SER A 637 -11.49 -11.90 -42.58
C SER A 637 -11.06 -10.88 -43.62
N ASP A 638 -11.64 -10.97 -44.82
CA ASP A 638 -11.22 -10.10 -45.93
C ASP A 638 -11.97 -8.77 -45.99
N SER A 639 -13.06 -8.67 -45.23
CA SER A 639 -13.86 -7.47 -45.21
C SER A 639 -14.47 -7.31 -43.83
N LYS A 640 -15.27 -6.25 -43.64
CA LYS A 640 -15.87 -6.00 -42.33
C LYS A 640 -16.67 -7.22 -41.89
N PRO A 641 -16.32 -7.77 -40.72
CA PRO A 641 -17.07 -8.88 -40.11
C PRO A 641 -18.46 -8.42 -39.63
N GLU A 642 -19.44 -9.32 -39.64
CA GLU A 642 -20.81 -9.00 -39.21
C GLU A 642 -20.90 -8.40 -37.80
N HIS A 643 -20.13 -8.94 -36.88
CA HIS A 643 -20.28 -8.59 -35.47
C HIS A 643 -19.18 -7.67 -34.92
N THR A 644 -18.46 -7.03 -35.81
CA THR A 644 -17.44 -6.06 -35.46
C THR A 644 -17.77 -4.69 -36.02
N SER A 645 -17.79 -3.68 -35.14
CA SER A 645 -18.07 -2.29 -35.54
C SER A 645 -16.78 -1.51 -35.48
N TYR A 646 -16.79 -0.32 -36.09
CA TYR A 646 -15.61 0.54 -36.13
C TYR A 646 -15.91 1.87 -35.50
N ALA A 647 -14.97 2.35 -34.68
CA ALA A 647 -15.17 3.63 -34.04
C ALA A 647 -14.99 4.77 -35.05
N SER A 648 -15.74 5.85 -34.82
CA SER A 648 -15.43 7.08 -35.53
C SER A 648 -14.40 7.86 -34.73
N ASN A 649 -13.67 8.72 -35.40
CA ASN A 649 -12.63 9.54 -34.78
C ASN A 649 -12.74 10.96 -35.27
N LEU A 650 -12.65 11.88 -34.32
CA LEU A 650 -12.69 13.32 -34.58
C LEU A 650 -11.52 13.99 -33.87
N LEU A 651 -10.70 14.70 -34.63
CA LEU A 651 -9.60 15.45 -34.12
C LEU A 651 -9.95 16.92 -34.11
N LEU A 652 -9.99 17.52 -32.93
CA LEU A 652 -10.39 18.90 -32.77
C LEU A 652 -9.14 19.74 -32.52
N ARG A 653 -8.83 20.62 -33.47
CA ARG A 653 -7.68 21.50 -33.37
C ARG A 653 -7.78 22.48 -34.52
N LYS A 654 -7.17 23.65 -34.33
CA LYS A 654 -6.99 24.55 -35.43
C LYS A 654 -5.81 24.04 -36.26
N ASN A 655 -5.85 24.35 -37.55
CA ASN A 655 -4.77 23.99 -38.48
C ASN A 655 -4.54 22.48 -38.52
N PRO A 656 -5.61 21.70 -38.81
CA PRO A 656 -5.41 20.26 -38.80
C PRO A 656 -4.69 19.78 -40.04
N THR A 657 -4.07 18.63 -39.91
CA THR A 657 -3.47 17.95 -41.04
C THR A 657 -4.04 16.54 -41.05
N SER A 658 -3.99 15.88 -42.20
CA SER A 658 -4.56 14.55 -42.37
C SER A 658 -4.00 13.54 -41.35
N LEU A 659 -4.76 12.46 -41.16
CA LEU A 659 -4.40 11.37 -40.24
C LEU A 659 -4.82 10.03 -40.89
N PRO A 660 -3.96 9.50 -41.78
CA PRO A 660 -4.33 8.26 -42.46
C PRO A 660 -4.15 7.08 -41.50
N LEU A 661 -4.89 6.02 -41.71
CA LEU A 661 -4.90 4.97 -40.69
C LEU A 661 -4.61 3.59 -41.29
N GLY A 662 -3.65 3.51 -42.20
CA GLY A 662 -3.34 2.25 -42.88
C GLY A 662 -4.63 1.71 -43.46
N GLN A 663 -5.01 0.50 -43.07
CA GLN A 663 -6.23 -0.16 -43.54
C GLN A 663 -7.57 0.21 -42.84
N TYR A 664 -7.50 0.99 -41.77
CA TYR A 664 -8.71 1.30 -40.99
C TYR A 664 -9.82 1.86 -41.86
N PRO A 665 -11.04 1.28 -41.79
CA PRO A 665 -12.13 1.62 -42.77
C PRO A 665 -12.88 2.96 -42.65
N GLU A 666 -12.64 3.74 -41.61
CA GLU A 666 -13.44 4.93 -41.32
C GLU A 666 -12.48 6.10 -41.35
N ASP A 667 -12.81 7.14 -42.12
CA ASP A 667 -11.97 8.32 -42.26
C ASP A 667 -12.04 9.20 -40.99
N VAL A 668 -10.88 9.64 -40.50
CA VAL A 668 -10.82 10.59 -39.37
C VAL A 668 -11.45 11.90 -39.81
N LYS A 669 -12.28 12.47 -38.94
CA LYS A 669 -12.90 13.78 -39.18
C LYS A 669 -12.14 14.84 -38.39
N PHE A 670 -12.24 16.09 -38.83
CA PHE A 670 -11.55 17.21 -38.20
C PHE A 670 -12.54 18.33 -37.88
N GLY A 671 -12.18 19.16 -36.93
CA GLY A 671 -13.04 20.29 -36.56
C GLY A 671 -12.26 21.26 -35.71
N ASP A 672 -12.75 22.49 -35.58
CA ASP A 672 -12.14 23.41 -34.63
C ASP A 672 -12.55 22.96 -33.22
N PRO A 673 -11.74 23.33 -32.22
CA PRO A 673 -12.16 22.96 -30.85
C PRO A 673 -13.56 23.43 -30.52
N ARG A 674 -14.30 22.57 -29.82
CA ARG A 674 -15.66 22.87 -29.42
C ARG A 674 -16.08 21.94 -28.27
N GLU A 675 -17.13 22.33 -27.57
CA GLU A 675 -17.69 21.45 -26.55
C GLU A 675 -18.31 20.22 -27.20
N ILE A 676 -18.19 19.08 -26.54
CA ILE A 676 -18.73 17.84 -27.07
C ILE A 676 -19.39 17.04 -25.96
N SER A 677 -20.36 16.20 -26.33
CA SER A 677 -21.04 15.31 -25.42
C SER A 677 -21.02 13.90 -25.98
N LEU A 678 -20.93 12.92 -25.07
CA LEU A 678 -20.85 11.52 -25.42
C LEU A 678 -21.67 10.69 -24.46
N ARG A 679 -22.24 9.62 -24.97
CA ARG A 679 -22.94 8.62 -24.17
C ARG A 679 -22.71 7.22 -24.76
N VAL A 680 -22.19 6.29 -23.95
CA VAL A 680 -22.09 4.90 -24.34
C VAL A 680 -23.16 4.10 -23.61
N GLY A 681 -23.81 3.20 -24.34
CA GLY A 681 -24.81 2.30 -23.75
C GLY A 681 -25.94 3.12 -23.14
N ASN A 682 -26.42 2.67 -21.98
CA ASN A 682 -27.47 3.38 -21.26
C ASN A 682 -26.83 4.23 -20.19
N GLY A 683 -25.51 4.39 -20.28
CA GLY A 683 -24.69 4.92 -19.19
C GLY A 683 -24.78 6.41 -19.11
N PRO A 684 -23.87 7.06 -18.33
CA PRO A 684 -24.06 8.50 -18.23
C PRO A 684 -23.71 9.22 -19.53
N THR A 685 -24.18 10.45 -19.63
CA THR A 685 -23.82 11.32 -20.74
C THR A 685 -22.82 12.29 -20.15
N LEU A 686 -21.64 12.36 -20.75
CA LEU A 686 -20.59 13.23 -20.29
C LEU A 686 -20.42 14.38 -21.26
N ALA A 687 -20.25 15.55 -20.70
CA ALA A 687 -19.95 16.73 -21.51
C ALA A 687 -18.55 17.26 -21.24
N PHE A 688 -17.89 17.70 -22.31
CA PHE A 688 -16.49 18.13 -22.24
C PHE A 688 -16.33 19.56 -22.73
N SER A 689 -15.38 20.29 -22.15
CA SER A 689 -15.04 21.66 -22.59
C SER A 689 -14.31 21.57 -23.94
N GLU A 690 -14.11 22.72 -24.56
CA GLU A 690 -13.37 22.74 -25.82
C GLU A 690 -11.88 22.41 -25.61
N GLN A 691 -11.43 22.38 -24.35
CA GLN A 691 -10.07 21.87 -24.03
C GLN A 691 -10.02 20.37 -23.71
N GLY A 692 -11.13 19.66 -23.89
CA GLY A 692 -11.18 18.20 -23.77
C GLY A 692 -11.27 17.69 -22.34
N LEU A 693 -11.67 18.57 -21.44
CA LEU A 693 -11.81 18.22 -20.01
C LEU A 693 -13.27 18.11 -19.64
N LEU A 694 -13.58 17.11 -18.84
CA LEU A 694 -14.95 16.92 -18.37
C LEU A 694 -15.47 18.22 -17.76
N LYS A 695 -16.71 18.54 -18.09
CA LYS A 695 -17.45 19.63 -17.46
CA LYS A 695 -17.44 19.62 -17.44
C LYS A 695 -18.73 19.21 -16.74
N SER A 696 -19.36 18.12 -17.17
CA SER A 696 -20.58 17.67 -16.51
C SER A 696 -20.88 16.22 -16.79
N ILE A 697 -21.67 15.64 -15.88
CA ILE A 697 -22.15 14.28 -16.00
C ILE A 697 -23.65 14.28 -15.81
N GLN A 698 -24.34 13.65 -16.73
CA GLN A 698 -25.77 13.44 -16.63
C GLN A 698 -26.02 11.96 -16.45
N LEU A 699 -26.53 11.57 -15.28
CA LEU A 699 -26.67 10.15 -14.99
C LEU A 699 -27.72 9.41 -15.83
N THR A 700 -28.87 10.06 -16.04
CA THR A 700 -29.95 9.45 -16.83
C THR A 700 -30.48 10.47 -17.84
N GLN A 701 -31.18 10.01 -18.87
CA GLN A 701 -31.80 10.90 -19.86
C GLN A 701 -32.58 12.04 -19.21
N ASP A 702 -33.30 11.71 -18.14
CA ASP A 702 -34.18 12.65 -17.45
C ASP A 702 -33.46 13.56 -16.44
N SER A 703 -32.29 13.11 -15.97
CA SER A 703 -31.60 13.80 -14.88
C SER A 703 -30.84 15.07 -15.30
N PRO A 704 -30.45 15.92 -14.32
CA PRO A 704 -29.68 17.14 -14.59
C PRO A 704 -28.25 16.89 -15.08
N HIS A 705 -27.66 17.85 -15.77
CA HIS A 705 -26.23 17.78 -16.11
C HIS A 705 -25.48 18.34 -14.91
N VAL A 706 -24.89 17.43 -14.11
CA VAL A 706 -24.26 17.82 -12.85
C VAL A 706 -22.83 18.35 -13.13
N PRO A 707 -22.53 19.61 -12.73
CA PRO A 707 -21.19 20.16 -12.97
C PRO A 707 -20.11 19.32 -12.28
N VAL A 708 -19.15 18.83 -13.06
CA VAL A 708 -18.02 18.06 -12.55
C VAL A 708 -16.91 18.48 -13.50
N HIS A 709 -16.01 19.31 -13.03
CA HIS A 709 -15.00 19.91 -13.90
C HIS A 709 -13.60 19.43 -13.55
N PHE A 710 -12.90 18.81 -14.52
CA PHE A 710 -11.48 18.52 -14.31
C PHE A 710 -10.63 19.73 -14.62
N LYS A 711 -9.59 19.93 -13.84
CA LYS A 711 -8.64 21.03 -14.01
C LYS A 711 -7.27 20.56 -13.56
N PHE A 712 -6.22 20.98 -14.25
CA PHE A 712 -4.86 20.72 -13.84
C PHE A 712 -4.20 21.98 -13.38
N LEU A 713 -3.54 21.88 -12.24
CA LEU A 713 -2.86 23.02 -11.61
C LEU A 713 -1.48 22.61 -11.20
N LYS A 714 -0.68 23.59 -10.81
CA LYS A 714 0.65 23.31 -10.33
C LYS A 714 0.95 24.04 -9.02
N TYR A 715 1.61 23.31 -8.13
CA TYR A 715 2.21 23.91 -6.96
C TYR A 715 3.69 24.16 -7.21
N GLY A 716 4.22 25.20 -6.56
CA GLY A 716 5.64 25.48 -6.61
C GLY A 716 6.31 25.22 -5.27
N VAL A 717 7.51 25.72 -5.14
CA VAL A 717 8.36 25.60 -3.95
C VAL A 717 8.73 26.99 -3.38
N ARG A 718 8.95 27.07 -2.09
CA ARG A 718 9.32 28.32 -1.41
C ARG A 718 10.73 28.74 -1.80
N SER A 719 10.90 30.03 -2.09
CA SER A 719 12.22 30.55 -2.40
C SER A 719 12.96 30.83 -1.10
N HIS A 720 12.21 31.33 -0.12
CA HIS A 720 12.70 31.61 1.20
C HIS A 720 12.07 30.62 2.16
N GLY A 721 12.90 29.96 2.95
CA GLY A 721 12.39 29.04 3.95
C GLY A 721 12.54 27.61 3.47
N ASP A 722 11.79 26.72 4.11
CA ASP A 722 12.02 25.30 3.92
C ASP A 722 11.55 24.85 2.56
N ARG A 723 12.34 23.98 1.94
CA ARG A 723 12.04 23.48 0.61
C ARG A 723 11.40 22.10 0.62
N SER A 724 10.41 21.94 -0.27
CA SER A 724 9.84 20.63 -0.56
C SER A 724 10.90 19.69 -1.05
N GLY A 725 10.74 18.42 -0.75
CA GLY A 725 11.67 17.40 -1.23
C GLY A 725 10.88 16.10 -1.27
N ALA A 726 11.61 14.97 -1.26
CA ALA A 726 10.92 13.68 -1.39
C ALA A 726 9.91 13.39 -0.26
N TYR A 727 10.19 13.93 0.92
CA TYR A 727 9.32 13.71 2.07
C TYR A 727 8.30 14.80 2.24
N LEU A 728 8.79 16.04 2.19
CA LEU A 728 7.99 17.20 2.57
C LEU A 728 7.29 17.88 1.43
N PHE A 729 6.06 18.31 1.68
CA PHE A 729 5.32 19.11 0.72
C PHE A 729 5.17 20.48 1.36
N LEU A 730 5.85 21.48 0.78
CA LEU A 730 5.90 22.84 1.38
C LEU A 730 5.60 23.83 0.28
N PRO A 731 4.32 23.89 -0.12
CA PRO A 731 4.01 24.69 -1.33
C PRO A 731 4.18 26.16 -1.03
N ASN A 732 4.50 26.93 -2.08
CA ASN A 732 4.49 28.38 -2.00
C ASN A 732 3.10 28.88 -2.36
N GLY A 733 2.13 28.50 -1.55
CA GLY A 733 0.77 28.96 -1.76
C GLY A 733 -0.08 27.98 -2.54
N PRO A 734 -1.38 28.26 -2.64
CA PRO A 734 -2.33 27.46 -3.43
C PRO A 734 -1.83 27.27 -4.87
N ALA A 735 -2.27 26.19 -5.48
CA ALA A 735 -1.87 25.85 -6.85
C ALA A 735 -2.37 26.87 -7.88
N SER A 736 -1.60 27.01 -8.96
CA SER A 736 -1.96 27.93 -10.06
C SER A 736 -2.37 27.09 -11.26
N PRO A 737 -3.37 27.53 -12.04
CA PRO A 737 -3.82 26.68 -13.17
C PRO A 737 -2.71 26.49 -14.19
N VAL A 738 -2.55 25.26 -14.70
CA VAL A 738 -1.65 25.04 -15.82
C VAL A 738 -2.19 25.80 -17.04
N GLU A 739 -1.35 26.58 -17.71
CA GLU A 739 -1.79 27.26 -18.93
C GLU A 739 -1.87 26.24 -20.05
N LEU A 740 -3.06 26.03 -20.58
CA LEU A 740 -3.30 24.93 -21.52
C LEU A 740 -3.11 25.28 -22.98
N GLY A 741 -3.10 26.58 -23.31
CA GLY A 741 -3.03 27.03 -24.70
C GLY A 741 -4.28 26.56 -25.43
N GLN A 742 -4.08 26.04 -26.64
CA GLN A 742 -5.19 25.50 -27.43
C GLN A 742 -4.89 24.03 -27.72
N PRO A 743 -5.19 23.14 -26.75
CA PRO A 743 -4.70 21.78 -26.95
C PRO A 743 -5.46 20.97 -27.99
N VAL A 744 -4.79 19.95 -28.51
CA VAL A 744 -5.39 19.06 -29.48
C VAL A 744 -6.24 18.03 -28.74
N VAL A 745 -7.49 17.86 -29.19
CA VAL A 745 -8.44 16.95 -28.56
C VAL A 745 -8.82 15.88 -29.55
N LEU A 746 -8.77 14.61 -29.14
CA LEU A 746 -9.13 13.50 -29.99
C LEU A 746 -10.34 12.80 -29.40
N VAL A 747 -11.40 12.63 -30.18
CA VAL A 747 -12.63 12.03 -29.71
C VAL A 747 -12.80 10.76 -30.49
N THR A 748 -12.97 9.63 -29.80
CA THR A 748 -13.21 8.38 -30.48
C THR A 748 -14.58 7.93 -30.01
N LYS A 749 -15.48 7.61 -30.94
CA LYS A 749 -16.84 7.27 -30.57
C LYS A 749 -17.14 5.89 -31.11
N GLY A 750 -17.45 4.98 -30.20
CA GLY A 750 -17.75 3.61 -30.57
C GLY A 750 -18.94 3.06 -29.82
N LYS A 751 -19.45 1.92 -30.26
CA LYS A 751 -20.64 1.34 -29.66
C LYS A 751 -20.32 0.82 -28.27
N LEU A 752 -19.11 0.25 -28.15
CA LEU A 752 -18.67 -0.36 -26.87
C LEU A 752 -17.80 0.55 -26.01
N GLU A 753 -17.05 1.47 -26.64
CA GLU A 753 -16.13 2.29 -25.90
C GLU A 753 -15.93 3.58 -26.66
N SER A 754 -16.05 4.69 -25.93
CA SER A 754 -15.74 6.00 -26.48
C SER A 754 -14.72 6.70 -25.60
N SER A 755 -14.05 7.71 -26.12
CA SER A 755 -13.07 8.40 -25.30
C SER A 755 -12.79 9.80 -25.79
N VAL A 756 -12.37 10.66 -24.89
CA VAL A 756 -11.86 11.96 -25.24
C VAL A 756 -10.48 12.07 -24.65
N SER A 757 -9.48 12.38 -25.48
CA SER A 757 -8.11 12.48 -25.04
C SER A 757 -7.59 13.83 -25.39
N VAL A 758 -6.80 14.44 -24.52
CA VAL A 758 -6.24 15.76 -24.83
C VAL A 758 -4.79 15.85 -24.43
N GLY A 759 -3.96 16.46 -25.28
CA GLY A 759 -2.57 16.63 -25.01
C GLY A 759 -2.35 17.95 -24.30
N LEU A 760 -2.23 17.90 -22.99
CA LEU A 760 -1.96 19.07 -22.17
C LEU A 760 -0.48 19.13 -21.83
N PRO A 761 0.02 20.30 -21.39
CA PRO A 761 1.42 20.34 -20.96
C PRO A 761 1.65 19.40 -19.79
N SER A 762 2.58 18.47 -20.00
CA SER A 762 2.94 17.43 -19.01
C SER A 762 1.97 16.28 -18.86
N VAL A 763 0.78 16.36 -19.44
CA VAL A 763 -0.19 15.28 -19.26
C VAL A 763 -1.02 15.01 -20.48
N VAL A 764 -1.03 13.76 -20.92
CA VAL A 764 -2.07 13.35 -21.86
C VAL A 764 -3.21 12.80 -21.03
N HIS A 765 -4.34 13.50 -21.04
CA HIS A 765 -5.48 13.22 -20.18
C HIS A 765 -6.56 12.55 -20.99
N GLN A 766 -7.09 11.42 -20.54
CA GLN A 766 -8.06 10.65 -21.30
C GLN A 766 -9.22 10.29 -20.42
N THR A 767 -10.44 10.47 -20.94
CA THR A 767 -11.64 10.01 -20.27
C THR A 767 -12.25 8.94 -21.15
N ILE A 768 -12.43 7.74 -20.60
CA ILE A 768 -12.90 6.61 -21.36
C ILE A 768 -14.27 6.21 -20.84
N MET A 769 -15.20 5.92 -21.74
CA MET A 769 -16.56 5.58 -21.39
C MET A 769 -16.90 4.22 -21.96
N ARG A 770 -17.33 3.31 -21.09
CA ARG A 770 -17.73 1.97 -21.51
C ARG A 770 -19.18 1.66 -21.12
N GLY A 771 -19.90 2.68 -20.64
CA GLY A 771 -21.30 2.52 -20.34
C GLY A 771 -21.60 2.57 -18.88
N GLY A 772 -20.58 2.73 -18.03
CA GLY A 772 -20.80 3.08 -16.60
C GLY A 772 -19.92 4.25 -16.19
N ALA A 773 -19.46 4.24 -14.93
CA ALA A 773 -18.52 5.27 -14.45
C ALA A 773 -17.32 5.38 -15.41
N PRO A 774 -16.95 6.61 -15.80
CA PRO A 774 -15.81 6.71 -16.72
C PRO A 774 -14.50 6.22 -16.09
N GLU A 775 -13.56 5.90 -16.95
CA GLU A 775 -12.18 5.64 -16.55
C GLU A 775 -11.36 6.85 -16.98
N ILE A 776 -10.49 7.31 -16.11
CA ILE A 776 -9.59 8.38 -16.46
C ILE A 776 -8.17 7.85 -16.53
N ARG A 777 -7.42 8.19 -17.55
CA ARG A 777 -6.02 7.82 -17.60
C ARG A 777 -5.23 9.07 -17.85
N ASN A 778 -4.15 9.28 -17.09
CA ASN A 778 -3.25 10.39 -17.33
C ASN A 778 -1.87 9.87 -17.58
N LEU A 779 -1.33 10.18 -18.76
CA LEU A 779 0.07 9.89 -19.03
C LEU A 779 0.82 11.10 -18.61
N VAL A 780 1.48 10.99 -17.46
CA VAL A 780 2.11 12.15 -16.84
C VAL A 780 3.61 12.16 -17.07
N ASP A 781 4.07 13.20 -17.79
CA ASP A 781 5.49 13.41 -18.01
C ASP A 781 5.85 14.83 -17.66
N ILE A 782 6.31 15.01 -16.43
CA ILE A 782 6.63 16.32 -15.89
C ILE A 782 7.86 16.89 -16.57
N GLY A 783 8.60 16.07 -17.32
CA GLY A 783 9.72 16.59 -18.13
C GLY A 783 10.77 17.29 -17.28
N SER A 784 11.18 18.48 -17.68
CA SER A 784 12.23 19.19 -16.94
C SER A 784 11.67 20.35 -16.10
N LEU A 785 10.39 20.26 -15.74
CA LEU A 785 9.76 21.30 -14.92
C LEU A 785 10.20 21.21 -13.48
N ASP A 786 11.39 21.74 -13.17
CA ASP A 786 11.91 21.71 -11.81
C ASP A 786 11.01 22.48 -10.84
N ASN A 787 10.97 21.98 -9.61
CA ASN A 787 10.21 22.60 -8.53
C ASN A 787 8.74 22.82 -8.84
N THR A 788 8.12 21.76 -9.34
CA THR A 788 6.74 21.84 -9.77
C THR A 788 6.07 20.55 -9.27
N GLU A 789 4.84 20.70 -8.77
CA GLU A 789 4.01 19.53 -8.48
C GLU A 789 2.72 19.68 -9.26
N ILE A 790 2.38 18.70 -10.09
CA ILE A 790 1.20 18.78 -10.92
C ILE A 790 0.06 18.10 -10.19
N VAL A 791 -1.06 18.80 -10.07
CA VAL A 791 -2.24 18.28 -9.40
C VAL A 791 -3.42 18.23 -10.36
N MET A 792 -4.22 17.17 -10.25
CA MET A 792 -5.51 17.09 -10.94
C MET A 792 -6.62 17.36 -9.95
N ARG A 793 -7.43 18.38 -10.22
CA ARG A 793 -8.54 18.79 -9.35
C ARG A 793 -9.87 18.55 -10.04
N LEU A 794 -10.88 18.18 -9.25
CA LEU A 794 -12.25 18.05 -9.67
C LEU A 794 -13.03 19.12 -8.93
N GLU A 795 -13.76 19.96 -9.67
CA GLU A 795 -14.59 21.02 -9.06
C GLU A 795 -16.06 20.69 -9.27
N THR A 796 -16.85 20.63 -8.19
CA THR A 796 -18.26 20.31 -8.25
C THR A 796 -19.07 21.29 -7.38
N HIS A 797 -20.38 21.07 -7.38
CA HIS A 797 -21.31 21.83 -6.51
C HIS A 797 -21.78 21.02 -5.36
N ILE A 798 -21.04 19.99 -5.02
CA ILE A 798 -21.43 19.18 -3.89
C ILE A 798 -21.12 20.00 -2.64
N ASP A 799 -22.09 20.05 -1.72
CA ASP A 799 -21.95 20.92 -0.55
C ASP A 799 -21.25 20.16 0.59
N SER A 800 -19.99 19.82 0.34
CA SER A 800 -19.26 18.96 1.26
C SER A 800 -18.71 19.71 2.45
N GLY A 801 -18.57 21.04 2.34
CA GLY A 801 -18.04 21.84 3.43
C GLY A 801 -16.57 21.60 3.62
N ASP A 802 -16.23 21.11 4.80
CA ASP A 802 -14.85 20.83 5.14
C ASP A 802 -14.62 19.30 5.26
N ILE A 803 -15.60 18.49 4.88
CA ILE A 803 -15.50 17.02 5.04
C ILE A 803 -15.16 16.33 3.74
N PHE A 804 -14.30 15.29 3.85
CA PHE A 804 -14.04 14.43 2.71
C PHE A 804 -13.57 13.10 3.28
N TYR A 805 -13.43 12.12 2.43
CA TYR A 805 -13.10 10.78 2.90
C TYR A 805 -11.96 10.27 2.05
N THR A 806 -11.02 9.59 2.71
CA THR A 806 -9.91 8.96 2.00
C THR A 806 -9.73 7.58 2.53
N ASP A 807 -9.10 6.71 1.74
CA ASP A 807 -8.94 5.37 2.27
C ASP A 807 -7.61 5.18 3.01
N LEU A 808 -7.60 4.11 3.79
CA LEU A 808 -6.41 3.69 4.48
C LEU A 808 -6.04 2.32 3.97
N ASN A 809 -4.94 2.24 3.25
CA ASN A 809 -4.39 0.96 2.75
C ASN A 809 -5.36 0.14 1.92
N GLY A 810 -6.31 0.79 1.28
CA GLY A 810 -7.28 0.00 0.47
C GLY A 810 -8.25 -0.81 1.28
N LEU A 811 -8.31 -0.55 2.59
CA LEU A 811 -9.09 -1.39 3.48
C LEU A 811 -10.35 -0.71 3.99
N GLN A 812 -10.23 0.58 4.25
CA GLN A 812 -11.31 1.31 4.94
C GLN A 812 -11.25 2.75 4.51
N PHE A 813 -12.39 3.45 4.60
CA PHE A 813 -12.44 4.89 4.33
C PHE A 813 -12.65 5.64 5.62
N ILE A 814 -11.85 6.65 5.81
CA ILE A 814 -11.89 7.41 7.07
C ILE A 814 -12.30 8.84 6.73
N LYS A 815 -13.15 9.40 7.61
CA LYS A 815 -13.57 10.79 7.47
C LYS A 815 -12.42 11.71 7.79
N ARG A 816 -12.22 12.71 6.93
CA ARG A 816 -11.23 13.75 7.10
C ARG A 816 -11.96 15.10 7.25
N ARG A 817 -11.37 16.02 8.00
CA ARG A 817 -11.94 17.36 8.06
C ARG A 817 -10.80 18.31 7.73
N ARG A 818 -11.03 19.13 6.69
CA ARG A 818 -10.10 20.17 6.35
CA ARG A 818 -10.09 20.16 6.35
C ARG A 818 -10.08 21.16 7.51
N LEU A 819 -8.89 21.50 8.01
CA LEU A 819 -8.79 22.42 9.12
C LEU A 819 -8.04 23.67 8.66
N ASP A 820 -8.71 24.82 8.73
CA ASP A 820 -7.98 26.01 8.32
C ASP A 820 -6.94 26.47 9.36
N LYS A 821 -6.97 25.87 10.54
CA LYS A 821 -5.89 26.10 11.51
C LYS A 821 -4.59 25.37 11.16
N LEU A 822 -4.65 24.53 10.11
CA LEU A 822 -3.48 23.82 9.65
C LEU A 822 -3.14 24.32 8.25
N PRO A 823 -1.87 24.27 7.90
CA PRO A 823 -1.48 24.72 6.56
C PRO A 823 -1.93 23.73 5.48
N LEU A 824 -1.89 24.18 4.24
CA LEU A 824 -2.42 23.38 3.12
C LEU A 824 -1.83 21.94 3.12
N GLN A 825 -0.52 21.85 3.32
CA GLN A 825 0.15 20.53 3.19
C GLN A 825 -0.29 19.56 4.30
N ALA A 826 -0.81 20.11 5.41
CA ALA A 826 -1.31 19.26 6.50
C ALA A 826 -2.64 18.67 6.18
N ASN A 827 -3.35 19.25 5.22
CA ASN A 827 -4.68 18.81 4.80
C ASN A 827 -4.63 17.82 3.65
N TYR A 828 -3.39 17.48 3.27
CA TYR A 828 -3.13 16.40 2.31
C TYR A 828 -3.02 15.08 3.05
N TYR A 829 -3.64 14.08 2.46
CA TYR A 829 -3.68 12.72 3.06
C TYR A 829 -3.33 11.70 2.00
N PRO A 830 -2.95 10.50 2.45
CA PRO A 830 -2.69 9.47 1.46
C PRO A 830 -4.00 9.08 0.76
N ILE A 831 -3.93 8.85 -0.55
CA ILE A 831 -5.04 8.32 -1.31
C ILE A 831 -4.59 6.99 -1.89
N PRO A 832 -4.54 5.96 -1.04
CA PRO A 832 -4.01 4.69 -1.51
C PRO A 832 -4.91 4.02 -2.47
N SER A 833 -6.22 4.25 -2.45
CA SER A 833 -7.12 3.63 -3.41
C SER A 833 -8.34 4.46 -3.76
N GLY A 834 -8.65 5.50 -2.98
CA GLY A 834 -9.83 6.26 -3.34
C GLY A 834 -10.11 7.36 -2.36
N MET A 835 -10.99 8.25 -2.81
CA MET A 835 -11.42 9.38 -1.98
C MET A 835 -12.78 9.83 -2.46
N PHE A 836 -13.53 10.48 -1.57
CA PHE A 836 -14.88 10.93 -1.99
C PHE A 836 -15.30 12.14 -1.18
N ILE A 837 -16.21 12.89 -1.82
CA ILE A 837 -16.94 13.97 -1.13
C ILE A 837 -18.42 13.75 -1.36
N GLU A 838 -19.22 14.22 -0.39
CA GLU A 838 -20.66 14.05 -0.50
C GLU A 838 -21.39 15.15 0.24
N ASP A 839 -22.64 15.31 -0.17
CA ASP A 839 -23.55 16.09 0.65
C ASP A 839 -24.78 15.22 0.88
N ALA A 840 -25.92 15.84 1.24
CA ALA A 840 -27.07 15.03 1.49
C ALA A 840 -27.55 14.26 0.27
N ASN A 841 -27.27 14.76 -0.94
CA ASN A 841 -27.87 14.17 -2.11
C ASN A 841 -26.93 13.50 -3.11
N THR A 842 -25.68 13.97 -3.13
CA THR A 842 -24.76 13.63 -4.22
C THR A 842 -23.41 13.25 -3.63
N ARG A 843 -22.79 12.21 -4.22
CA ARG A 843 -21.42 11.83 -3.88
C ARG A 843 -20.59 11.75 -5.17
N LEU A 844 -19.34 12.22 -5.07
CA LEU A 844 -18.38 11.97 -6.14
C LEU A 844 -17.23 11.20 -5.55
N THR A 845 -16.97 10.02 -6.13
CA THR A 845 -15.87 9.18 -5.65
C THR A 845 -14.86 9.03 -6.78
N LEU A 846 -13.59 9.23 -6.44
CA LEU A 846 -12.47 9.00 -7.37
C LEU A 846 -11.67 7.80 -6.86
N LEU A 847 -11.65 6.71 -7.64
CA LEU A 847 -10.88 5.50 -7.27
C LEU A 847 -9.58 5.59 -8.03
N THR A 848 -8.51 5.09 -7.41
CA THR A 848 -7.17 5.17 -8.03
CA THR A 848 -7.18 5.19 -8.00
C THR A 848 -6.54 3.80 -8.20
N GLY A 849 -5.74 3.66 -9.25
CA GLY A 849 -4.98 2.46 -9.47
C GLY A 849 -3.55 2.58 -8.94
N GLN A 850 -3.29 3.61 -8.15
CA GLN A 850 -1.96 3.85 -7.58
C GLN A 850 -2.10 4.80 -6.42
N PRO A 851 -1.26 4.62 -5.39
CA PRO A 851 -1.36 5.56 -4.24
C PRO A 851 -0.75 6.90 -4.60
N LEU A 852 -1.48 7.98 -4.28
CA LEU A 852 -1.01 9.34 -4.50
C LEU A 852 -1.49 10.19 -3.34
N GLY A 853 -1.03 11.43 -3.25
CA GLY A 853 -1.47 12.32 -2.17
C GLY A 853 -2.66 13.15 -2.66
N GLY A 854 -3.55 13.54 -1.74
CA GLY A 854 -4.70 14.34 -2.22
C GLY A 854 -5.43 14.98 -1.08
N SER A 855 -6.45 15.76 -1.44
CA SER A 855 -7.16 16.53 -0.42
C SER A 855 -8.46 17.04 -1.01
N SER A 856 -9.26 17.71 -0.18
CA SER A 856 -10.35 18.52 -0.65
C SER A 856 -10.10 19.88 0.01
N LEU A 857 -9.59 20.86 -0.75
CA LEU A 857 -9.13 22.13 -0.18
C LEU A 857 -10.23 23.18 -0.14
N ALA A 858 -11.36 22.84 -0.74
CA ALA A 858 -12.56 23.67 -0.65
C ALA A 858 -13.77 22.84 -0.87
N SER A 859 -14.91 23.30 -0.39
CA SER A 859 -16.15 22.61 -0.53
C SER A 859 -16.39 22.25 -1.99
N GLY A 860 -16.81 21.01 -2.24
CA GLY A 860 -17.07 20.55 -3.59
C GLY A 860 -15.85 20.13 -4.42
N GLU A 861 -14.64 20.23 -3.85
CA GLU A 861 -13.40 19.90 -4.59
C GLU A 861 -12.78 18.59 -4.14
N LEU A 862 -12.19 17.89 -5.10
CA LEU A 862 -11.26 16.78 -4.79
C LEU A 862 -9.99 17.10 -5.57
N GLU A 863 -8.83 16.77 -5.04
CA GLU A 863 -7.63 16.89 -5.87
C GLU A 863 -6.65 15.81 -5.51
N ILE A 864 -5.84 15.43 -6.49
CA ILE A 864 -4.88 14.33 -6.28
C ILE A 864 -3.62 14.68 -7.08
N MET A 865 -2.50 14.59 -6.41
CA MET A 865 -1.23 14.94 -7.02
C MET A 865 -0.79 13.85 -8.00
N GLN A 866 -0.23 14.30 -9.11
CA GLN A 866 0.11 13.39 -10.22
C GLN A 866 1.59 13.07 -10.22
N ASP A 867 2.44 14.10 -10.05
CA ASP A 867 3.87 13.91 -9.96
C ASP A 867 4.49 15.17 -9.41
N ARG A 868 5.72 15.03 -8.96
CA ARG A 868 6.43 16.15 -8.38
C ARG A 868 7.90 16.04 -8.70
N ARG A 869 8.49 17.18 -9.05
CA ARG A 869 9.90 17.21 -9.43
C ARG A 869 10.52 18.33 -8.64
N LEU A 870 11.50 17.98 -7.80
CA LEU A 870 11.97 18.89 -6.74
C LEU A 870 13.46 18.99 -6.78
N ALA A 871 13.93 20.22 -6.88
CA ALA A 871 15.33 20.38 -7.11
C ALA A 871 16.20 20.31 -5.84
N SER A 872 15.58 20.52 -4.69
CA SER A 872 16.32 20.58 -3.44
C SER A 872 16.07 19.38 -2.56
N ASP A 873 17.04 19.13 -1.70
CA ASP A 873 16.90 18.22 -0.55
C ASP A 873 16.05 18.87 0.53
N ASP A 874 15.30 18.04 1.25
CA ASP A 874 14.40 18.53 2.33
C ASP A 874 14.91 18.19 3.73
N GLU A 875 16.21 17.97 3.88
CA GLU A 875 16.87 17.89 5.19
C GLU A 875 16.39 16.73 6.05
N ARG A 876 15.99 15.64 5.39
CA ARG A 876 15.59 14.43 6.12
C ARG A 876 16.56 13.28 5.84
N GLY A 877 17.74 13.58 5.30
CA GLY A 877 18.81 12.59 5.21
C GLY A 877 19.02 12.00 3.83
N LEU A 878 18.08 12.26 2.91
CA LEU A 878 18.19 11.66 1.57
C LEU A 878 19.34 12.25 0.76
N GLY A 879 19.55 13.57 0.92
CA GLY A 879 20.66 14.27 0.26
C GLY A 879 20.52 14.36 -1.25
N GLN A 880 19.30 14.41 -1.74
CA GLN A 880 19.03 14.68 -3.14
C GLN A 880 17.60 15.17 -3.25
N GLY A 881 17.34 15.88 -4.33
CA GLY A 881 15.97 16.20 -4.70
C GLY A 881 15.32 15.01 -5.38
N VAL A 882 14.23 15.30 -6.08
CA VAL A 882 13.54 14.29 -6.87
C VAL A 882 13.58 14.81 -8.30
N LEU A 883 14.56 14.29 -9.06
CA LEU A 883 14.80 14.74 -10.44
C LEU A 883 14.93 13.56 -11.38
N ASP A 884 14.40 12.40 -11.01
CA ASP A 884 14.47 11.17 -11.80
C ASP A 884 13.09 10.72 -12.29
N ASN A 885 12.17 11.67 -12.45
CA ASN A 885 10.85 11.37 -12.96
C ASN A 885 10.89 10.66 -14.29
N LYS A 886 9.89 9.84 -14.50
CA LYS A 886 9.72 9.18 -15.81
C LYS A 886 8.23 9.08 -16.09
N PRO A 887 7.83 9.02 -17.37
CA PRO A 887 6.42 8.98 -17.71
C PRO A 887 5.73 7.86 -16.99
N VAL A 888 4.56 8.18 -16.46
CA VAL A 888 3.76 7.17 -15.77
C VAL A 888 2.31 7.30 -16.20
N LEU A 889 1.65 6.17 -16.37
CA LEU A 889 0.24 6.14 -16.68
C LEU A 889 -0.59 5.91 -15.41
N HIS A 890 -1.18 6.97 -14.90
CA HIS A 890 -2.09 6.85 -13.77
C HIS A 890 -3.45 6.50 -14.22
N ILE A 891 -4.14 5.64 -13.47
CA ILE A 891 -5.49 5.25 -13.84
C ILE A 891 -6.46 5.51 -12.70
N TYR A 892 -7.70 5.83 -13.05
CA TYR A 892 -8.76 6.17 -12.12
C TYR A 892 -10.12 5.78 -12.64
N ARG A 893 -11.09 5.69 -11.70
CA ARG A 893 -12.50 5.63 -12.08
C ARG A 893 -13.19 6.76 -11.35
N LEU A 894 -14.15 7.38 -12.03
CA LEU A 894 -14.85 8.53 -11.49
C LEU A 894 -16.32 8.18 -11.39
N VAL A 895 -16.83 8.13 -10.16
CA VAL A 895 -18.17 7.64 -9.90
C VAL A 895 -19.03 8.74 -9.26
N LEU A 896 -19.98 9.26 -10.03
CA LEU A 896 -20.93 10.26 -9.53
C LEU A 896 -22.21 9.54 -9.23
N GLU A 897 -22.74 9.75 -8.02
CA GLU A 897 -23.91 8.99 -7.56
C GLU A 897 -24.88 9.84 -6.74
N LYS A 898 -26.16 9.51 -6.86
CA LYS A 898 -27.21 10.03 -5.96
C LYS A 898 -27.20 9.19 -4.69
N VAL A 899 -27.06 9.84 -3.55
CA VAL A 899 -26.91 9.14 -2.27
C VAL A 899 -27.97 9.52 -1.22
N ASN A 900 -28.99 10.27 -1.63
CA ASN A 900 -30.03 10.68 -0.69
C ASN A 900 -30.77 9.47 -0.10
N ASN A 901 -30.84 8.37 -0.84
CA ASN A 901 -31.53 7.15 -0.36
C ASN A 901 -30.64 6.20 0.41
N CYS A 902 -29.34 6.47 0.46
CA CYS A 902 -28.43 5.54 1.11
C CYS A 902 -28.46 5.68 2.61
N VAL A 903 -28.32 4.53 3.28
CA VAL A 903 -28.20 4.52 4.72
CA VAL A 903 -28.21 4.48 4.73
C VAL A 903 -26.73 4.72 5.08
N ARG A 904 -26.44 5.90 5.55
CA ARG A 904 -25.08 6.31 5.83
C ARG A 904 -24.89 6.45 7.34
N PRO A 905 -23.63 6.44 7.78
CA PRO A 905 -23.37 6.67 9.20
C PRO A 905 -23.84 8.04 9.62
N SER A 906 -24.05 8.23 10.92
CA SER A 906 -24.41 9.53 11.45
C SER A 906 -23.24 10.51 11.38
N LYS A 907 -23.55 11.77 11.63
CA LYS A 907 -22.60 12.86 11.50
C LYS A 907 -21.38 12.62 12.39
N LEU A 908 -21.57 11.91 13.49
CA LEU A 908 -20.48 11.72 14.43
C LEU A 908 -19.61 10.48 14.17
N HIS A 909 -20.01 9.65 13.20
CA HIS A 909 -19.28 8.43 12.90
C HIS A 909 -17.99 8.76 12.14
N PRO A 910 -16.86 8.14 12.54
CA PRO A 910 -15.59 8.50 11.87
C PRO A 910 -15.33 7.79 10.55
N ALA A 911 -16.19 6.86 10.12
CA ALA A 911 -15.93 6.11 8.87
C ALA A 911 -16.88 6.52 7.77
N GLY A 912 -16.49 6.18 6.54
CA GLY A 912 -17.44 6.16 5.44
C GLY A 912 -17.34 4.86 4.68
N TYR A 913 -18.28 4.61 3.77
CA TYR A 913 -18.32 3.35 3.03
C TYR A 913 -18.67 3.59 1.59
N LEU A 914 -18.07 2.79 0.73
CA LEU A 914 -18.35 2.88 -0.70
C LEU A 914 -19.70 2.29 -1.03
N THR A 915 -20.24 2.70 -2.18
CA THR A 915 -21.36 2.03 -2.80
C THR A 915 -20.85 0.85 -3.60
N SER A 916 -21.77 -0.03 -4.01
CA SER A 916 -21.44 -1.14 -4.89
CA SER A 916 -21.40 -1.15 -4.87
C SER A 916 -20.68 -0.69 -6.13
N ALA A 917 -21.20 0.35 -6.78
CA ALA A 917 -20.57 0.77 -8.04
C ALA A 917 -19.14 1.25 -7.84
N ALA A 918 -18.90 1.95 -6.74
CA ALA A 918 -17.56 2.46 -6.48
C ALA A 918 -16.61 1.36 -6.08
N HIS A 919 -17.11 0.41 -5.31
CA HIS A 919 -16.28 -0.74 -4.97
C HIS A 919 -15.90 -1.55 -6.23
N LYS A 920 -16.88 -1.83 -7.08
CA LYS A 920 -16.56 -2.55 -8.30
C LYS A 920 -15.61 -1.75 -9.14
N ALA A 921 -15.78 -0.45 -9.16
CA ALA A 921 -14.87 0.39 -9.94
C ALA A 921 -13.44 0.26 -9.39
N SER A 922 -13.30 0.30 -8.06
CA SER A 922 -11.96 0.06 -7.50
C SER A 922 -11.37 -1.29 -7.88
N GLN A 923 -12.21 -2.33 -7.84
CA GLN A 923 -11.75 -3.67 -8.22
C GLN A 923 -11.32 -3.67 -9.68
N SER A 924 -11.97 -2.87 -10.53
CA SER A 924 -11.60 -2.87 -11.94
C SER A 924 -10.21 -2.29 -12.17
N LEU A 925 -9.77 -1.44 -11.26
CA LEU A 925 -8.44 -0.82 -11.33
C LEU A 925 -7.39 -1.72 -10.71
N LEU A 926 -7.70 -2.32 -9.55
CA LEU A 926 -6.67 -3.06 -8.84
C LEU A 926 -6.55 -4.50 -9.27
N ASP A 927 -7.68 -5.11 -9.60
CA ASP A 927 -7.66 -6.52 -10.01
C ASP A 927 -8.45 -6.74 -11.32
N PRO A 928 -7.93 -6.20 -12.42
CA PRO A 928 -8.63 -6.37 -13.69
C PRO A 928 -8.48 -7.79 -14.18
N LEU A 929 -9.23 -8.14 -15.23
CA LEU A 929 -8.98 -9.41 -15.89
C LEU A 929 -7.55 -9.45 -16.40
N ASP A 930 -6.91 -10.61 -16.27
CA ASP A 930 -5.62 -10.81 -16.91
C ASP A 930 -5.85 -11.36 -18.30
N LYS A 931 -5.02 -10.92 -19.26
CA LYS A 931 -5.15 -11.34 -20.65
C LYS A 931 -3.93 -12.11 -21.12
N PHE A 932 -4.16 -13.27 -21.75
CA PHE A 932 -3.09 -14.12 -22.24
C PHE A 932 -3.30 -14.35 -23.74
N ILE A 933 -2.20 -14.28 -24.49
CA ILE A 933 -2.25 -14.57 -25.93
C ILE A 933 -1.49 -15.87 -26.17
N PHE A 934 -2.13 -16.88 -26.78
CA PHE A 934 -1.40 -18.12 -27.04
C PHE A 934 -0.21 -17.87 -27.99
N ALA A 935 0.96 -18.39 -27.63
CA ALA A 935 2.21 -17.95 -28.27
C ALA A 935 2.62 -18.65 -29.57
N GLU A 936 2.01 -19.79 -29.86
CA GLU A 936 2.33 -20.56 -31.09
C GLU A 936 1.08 -20.67 -31.98
N ASN A 937 1.18 -21.38 -33.09
CA ASN A 937 0.09 -21.32 -34.06
C ASN A 937 -1.13 -22.11 -33.65
N GLU A 938 -0.90 -23.29 -33.09
CA GLU A 938 -1.99 -24.19 -32.74
C GLU A 938 -1.90 -24.69 -31.30
N TRP A 939 -2.99 -24.52 -30.57
CA TRP A 939 -3.09 -25.04 -29.22
C TRP A 939 -3.93 -26.33 -29.21
N ILE A 940 -3.25 -27.46 -29.17
CA ILE A 940 -3.94 -28.75 -29.28
C ILE A 940 -4.53 -29.06 -27.91
N GLY A 941 -5.80 -29.44 -27.87
CA GLY A 941 -6.42 -29.84 -26.60
C GLY A 941 -7.00 -28.64 -25.84
N ALA A 942 -7.10 -27.49 -26.50
CA ALA A 942 -7.66 -26.31 -25.83
C ALA A 942 -9.07 -26.51 -25.33
N GLN A 943 -9.33 -25.96 -24.15
CA GLN A 943 -10.64 -25.92 -23.52
C GLN A 943 -11.18 -24.51 -23.38
N GLY A 944 -12.48 -24.39 -23.28
CA GLY A 944 -13.18 -23.11 -23.37
C GLY A 944 -13.22 -22.32 -22.08
N GLN A 945 -13.12 -23.04 -20.97
CA GLN A 945 -13.40 -22.40 -19.67
C GLN A 945 -12.84 -23.22 -18.53
N PHE A 946 -12.50 -22.52 -17.46
CA PHE A 946 -12.16 -23.19 -16.21
C PHE A 946 -12.89 -22.46 -15.14
N GLY A 947 -13.44 -23.17 -14.17
CA GLY A 947 -14.06 -22.52 -13.06
C GLY A 947 -15.54 -22.24 -13.17
N GLY A 948 -16.17 -22.78 -14.23
CA GLY A 948 -17.61 -22.59 -14.43
C GLY A 948 -18.43 -23.03 -13.23
N ASP A 949 -17.91 -24.01 -12.48
CA ASP A 949 -18.60 -24.54 -11.28
C ASP A 949 -18.18 -23.85 -9.98
N HIS A 950 -17.31 -22.85 -10.06
CA HIS A 950 -16.92 -22.13 -8.84
C HIS A 950 -18.07 -21.27 -8.35
N PRO A 951 -18.33 -21.22 -7.02
CA PRO A 951 -19.42 -20.37 -6.52
C PRO A 951 -19.19 -18.89 -6.79
N SER A 952 -20.24 -18.16 -7.10
CA SER A 952 -20.15 -16.72 -7.38
C SER A 952 -20.62 -15.99 -6.15
N ALA A 953 -19.66 -15.48 -5.39
CA ALA A 953 -19.91 -14.99 -4.05
C ALA A 953 -20.52 -13.62 -4.05
N ARG A 954 -21.14 -13.24 -2.92
CA ARG A 954 -21.68 -11.93 -2.76
C ARG A 954 -20.62 -10.88 -3.09
N GLU A 955 -21.06 -9.78 -3.70
CA GLU A 955 -20.15 -8.79 -4.25
C GLU A 955 -19.18 -8.14 -3.26
N ASP A 956 -19.54 -8.13 -1.98
CA ASP A 956 -18.69 -7.48 -0.98
C ASP A 956 -17.62 -8.43 -0.45
N LEU A 957 -17.64 -9.68 -0.92
CA LEU A 957 -16.68 -10.69 -0.44
C LEU A 957 -15.55 -10.87 -1.45
N ASP A 958 -14.32 -10.94 -0.96
CA ASP A 958 -13.19 -11.24 -1.84
C ASP A 958 -12.35 -12.37 -1.25
N VAL A 959 -11.77 -13.16 -2.13
CA VAL A 959 -10.69 -14.09 -1.78
C VAL A 959 -9.39 -13.35 -2.05
N SER A 960 -8.93 -12.65 -1.04
CA SER A 960 -7.77 -11.76 -1.15
C SER A 960 -6.50 -12.53 -1.48
N VAL A 961 -6.41 -13.74 -0.92
CA VAL A 961 -5.24 -14.62 -1.14
C VAL A 961 -5.76 -16.04 -1.29
N MET A 962 -5.22 -16.73 -2.29
CA MET A 962 -5.30 -18.19 -2.35
C MET A 962 -3.88 -18.64 -2.59
N ARG A 963 -3.35 -19.51 -1.72
CA ARG A 963 -1.95 -19.87 -1.78
C ARG A 963 -1.76 -21.32 -1.36
N ARG A 964 -1.23 -22.16 -2.25
CA ARG A 964 -0.92 -23.54 -1.79
C ARG A 964 0.30 -23.43 -0.89
N LEU A 965 0.20 -24.10 0.27
CA LEU A 965 1.20 -23.94 1.33
C LEU A 965 2.22 -25.08 1.40
N THR A 966 1.98 -26.12 0.60
CA THR A 966 2.77 -27.35 0.63
C THR A 966 3.36 -27.62 -0.74
N LYS A 967 4.56 -28.19 -0.75
CA LYS A 967 5.18 -28.71 -1.96
C LYS A 967 4.61 -30.07 -2.34
N SER A 968 4.95 -30.53 -3.55
CA SER A 968 4.30 -31.69 -4.12
C SER A 968 4.55 -33.00 -3.37
N SER A 969 5.63 -33.08 -2.62
CA SER A 969 5.90 -34.36 -1.92
C SER A 969 5.07 -34.53 -0.64
N ALA A 970 4.40 -33.48 -0.17
CA ALA A 970 3.61 -33.59 1.04
C ALA A 970 2.40 -34.48 0.84
N LYS A 971 2.28 -35.50 1.69
CA LYS A 971 1.09 -36.36 1.66
C LYS A 971 -0.22 -35.60 1.87
N THR A 972 -0.20 -34.67 2.82
CA THR A 972 -1.38 -33.84 3.07
C THR A 972 -1.08 -32.48 2.47
N GLN A 973 -1.79 -32.17 1.38
CA GLN A 973 -1.66 -30.85 0.76
C GLN A 973 -2.47 -29.84 1.57
N ARG A 974 -1.97 -28.59 1.59
CA ARG A 974 -2.64 -27.54 2.36
C ARG A 974 -2.74 -26.30 1.48
N VAL A 975 -3.90 -25.69 1.48
CA VAL A 975 -4.10 -24.45 0.68
C VAL A 975 -4.69 -23.42 1.62
N GLY A 976 -4.09 -22.24 1.63
CA GLY A 976 -4.56 -21.15 2.49
C GLY A 976 -5.35 -20.09 1.75
N TYR A 977 -6.39 -19.59 2.40
CA TYR A 977 -7.24 -18.56 1.80
C TYR A 977 -7.37 -17.43 2.80
N VAL A 978 -7.32 -16.19 2.32
CA VAL A 978 -7.66 -15.03 3.12
C VAL A 978 -8.93 -14.44 2.51
N LEU A 979 -9.99 -14.39 3.33
CA LEU A 979 -11.28 -13.85 2.91
C LEU A 979 -11.50 -12.51 3.54
N HIS A 980 -11.88 -11.54 2.73
CA HIS A 980 -12.15 -10.21 3.23
C HIS A 980 -13.55 -9.82 2.79
N ARG A 981 -14.39 -9.35 3.70
CA ARG A 981 -15.64 -8.76 3.31
C ARG A 981 -15.60 -7.29 3.63
N THR A 982 -15.87 -6.47 2.63
CA THR A 982 -15.95 -5.05 2.86
C THR A 982 -17.35 -4.70 3.31
N ASN A 983 -17.66 -3.43 3.50
CA ASN A 983 -19.01 -3.02 3.84
C ASN A 983 -19.41 -1.98 2.81
N LEU A 984 -20.48 -2.30 2.10
CA LEU A 984 -21.02 -1.40 1.08
C LEU A 984 -22.31 -0.72 1.55
N MET A 985 -22.52 0.51 1.13
CA MET A 985 -23.72 1.23 1.50
CA MET A 985 -23.72 1.27 1.47
C MET A 985 -24.98 0.59 0.96
N GLN A 986 -26.02 0.57 1.80
CA GLN A 986 -27.34 0.10 1.36
C GLN A 986 -28.01 1.32 0.75
N CYS A 987 -28.37 1.23 -0.53
CA CYS A 987 -29.05 2.36 -1.21
C CYS A 987 -30.33 1.92 -1.94
N GLY A 988 -30.92 0.83 -1.50
CA GLY A 988 -32.21 0.42 -2.07
C GLY A 988 -32.14 -0.39 -3.34
N THR A 989 -30.97 -0.93 -3.66
CA THR A 989 -30.88 -1.94 -4.70
C THR A 989 -31.21 -3.28 -4.03
N PRO A 990 -32.31 -3.93 -4.46
CA PRO A 990 -32.67 -5.23 -3.89
C PRO A 990 -31.51 -6.21 -4.02
N GLU A 991 -31.17 -6.86 -2.92
CA GLU A 991 -30.10 -7.85 -2.94
C GLU A 991 -30.56 -9.07 -3.71
N GLU A 992 -29.69 -9.55 -4.59
CA GLU A 992 -29.96 -10.74 -5.37
C GLU A 992 -29.48 -12.00 -4.65
N HIS A 993 -30.04 -13.13 -5.06
CA HIS A 993 -29.47 -14.46 -4.85
C HIS A 993 -27.95 -14.43 -5.06
N THR A 994 -27.17 -14.92 -4.10
CA THR A 994 -25.80 -15.34 -4.41
C THR A 994 -25.46 -16.64 -3.70
N GLN A 995 -24.47 -17.35 -4.24
CA GLN A 995 -24.03 -18.62 -3.67
C GLN A 995 -23.07 -18.40 -2.52
N LYS A 996 -23.24 -19.21 -1.47
CA LYS A 996 -22.29 -19.26 -0.36
C LYS A 996 -20.95 -19.75 -0.90
N LEU A 997 -19.88 -19.04 -0.55
CA LEU A 997 -18.54 -19.51 -0.90
C LEU A 997 -17.97 -20.23 0.32
N ASP A 998 -17.63 -21.50 0.12
CA ASP A 998 -16.89 -22.29 1.10
C ASP A 998 -15.52 -22.62 0.52
N VAL A 999 -14.51 -21.86 0.94
CA VAL A 999 -13.21 -22.05 0.32
C VAL A 999 -12.63 -23.43 0.58
N CYS A 1000 -13.01 -24.04 1.69
CA CYS A 1000 -12.47 -25.35 2.02
C CYS A 1000 -12.89 -26.47 1.07
N HIS A 1001 -13.94 -26.23 0.27
CA HIS A 1001 -14.38 -27.21 -0.72
C HIS A 1001 -14.08 -26.77 -2.16
N LEU A 1002 -13.18 -25.81 -2.34
CA LEU A 1002 -12.76 -25.43 -3.70
C LEU A 1002 -11.86 -26.48 -4.34
N LEU A 1003 -11.09 -27.21 -3.55
CA LEU A 1003 -10.25 -28.27 -4.07
C LEU A 1003 -10.82 -29.61 -3.58
N PRO A 1004 -10.65 -30.67 -4.39
CA PRO A 1004 -11.28 -31.92 -3.96
C PRO A 1004 -10.50 -32.66 -2.84
N ASN A 1005 -11.11 -33.74 -2.34
CA ASN A 1005 -10.52 -34.57 -1.29
C ASN A 1005 -10.17 -33.82 0.00
N VAL A 1006 -11.01 -32.86 0.39
CA VAL A 1006 -10.74 -32.12 1.64
C VAL A 1006 -10.84 -33.08 2.84
N ALA A 1007 -9.86 -33.00 3.73
CA ALA A 1007 -9.80 -33.84 4.95
C ALA A 1007 -9.95 -33.01 6.23
N ARG A 1008 -9.73 -31.69 6.13
CA ARG A 1008 -9.80 -30.83 7.31
C ARG A 1008 -9.91 -29.40 6.81
N CYS A 1009 -10.62 -28.58 7.57
CA CYS A 1009 -10.68 -27.13 7.32
C CYS A 1009 -10.43 -26.47 8.65
N GLU A 1010 -9.46 -25.55 8.70
CA GLU A 1010 -9.13 -24.85 9.94
C GLU A 1010 -9.19 -23.34 9.71
N ARG A 1011 -9.68 -22.62 10.70
CA ARG A 1011 -9.49 -21.17 10.69
C ARG A 1011 -8.13 -20.88 11.30
N THR A 1012 -7.39 -19.94 10.71
CA THR A 1012 -6.03 -19.67 11.13
C THR A 1012 -5.81 -18.17 11.30
N THR A 1013 -4.69 -17.81 11.93
CA THR A 1013 -4.25 -16.42 11.84
C THR A 1013 -4.03 -16.06 10.35
N LEU A 1014 -4.00 -14.75 10.04
CA LEU A 1014 -3.95 -14.35 8.63
C LEU A 1014 -2.66 -14.73 7.92
N THR A 1015 -1.60 -15.04 8.69
CA THR A 1015 -0.33 -15.52 8.15
C THR A 1015 -0.31 -17.02 7.91
N PHE A 1016 -1.40 -17.69 8.30
CA PHE A 1016 -1.60 -19.14 8.17
C PHE A 1016 -0.77 -19.94 9.19
N LEU A 1017 -0.15 -19.27 10.16
CA LEU A 1017 0.88 -19.92 11.00
C LEU A 1017 0.32 -20.55 12.28
N GLN A 1018 -0.89 -20.22 12.68
CA GLN A 1018 -1.49 -20.83 13.85
C GLN A 1018 -2.93 -21.23 13.59
N ASN A 1019 -3.30 -22.45 14.00
CA ASN A 1019 -4.66 -22.92 13.87
C ASN A 1019 -5.49 -22.39 15.01
N LEU A 1020 -6.60 -21.76 14.69
CA LEU A 1020 -7.46 -21.16 15.68
C LEU A 1020 -8.75 -21.93 15.93
N GLU A 1021 -9.26 -22.63 14.92
CA GLU A 1021 -10.51 -23.38 15.06
C GLU A 1021 -10.55 -24.52 14.07
N HIS A 1022 -10.92 -25.71 14.54
CA HIS A 1022 -11.13 -26.83 13.64
C HIS A 1022 -12.60 -26.77 13.25
N LEU A 1023 -12.89 -26.73 11.94
CA LEU A 1023 -14.22 -26.35 11.48
C LEU A 1023 -15.11 -27.55 11.20
N ASP A 1024 -16.30 -27.53 11.79
CA ASP A 1024 -17.27 -28.61 11.60
C ASP A 1024 -17.69 -28.78 10.14
N GLY A 1025 -17.75 -30.03 9.71
CA GLY A 1025 -18.13 -30.34 8.32
C GLY A 1025 -17.10 -29.90 7.29
N MET A 1026 -15.93 -29.46 7.76
CA MET A 1026 -14.88 -28.94 6.89
C MET A 1026 -15.40 -27.77 6.06
N VAL A 1027 -16.31 -26.97 6.63
CA VAL A 1027 -16.89 -25.81 5.95
C VAL A 1027 -16.31 -24.52 6.53
N ALA A 1028 -15.77 -23.65 5.66
CA ALA A 1028 -15.24 -22.37 6.09
C ALA A 1028 -16.38 -21.37 5.98
N PRO A 1029 -16.83 -20.82 7.11
CA PRO A 1029 -17.87 -19.79 7.07
C PRO A 1029 -17.39 -18.51 6.38
N GLU A 1030 -18.32 -17.76 5.82
CA GLU A 1030 -17.99 -16.43 5.33
C GLU A 1030 -17.86 -15.49 6.53
N VAL A 1031 -17.21 -14.37 6.26
CA VAL A 1031 -16.87 -13.42 7.30
C VAL A 1031 -17.86 -12.25 7.32
N CYS A 1032 -17.83 -11.49 8.41
CA CYS A 1032 -18.72 -10.34 8.61
C CYS A 1032 -18.21 -9.11 7.85
N PRO A 1033 -19.09 -8.12 7.60
CA PRO A 1033 -18.62 -6.89 6.99
C PRO A 1033 -17.47 -6.29 7.75
N MET A 1034 -16.44 -5.90 7.00
CA MET A 1034 -15.20 -5.31 7.54
C MET A 1034 -14.30 -6.30 8.25
N GLU A 1035 -14.62 -7.57 8.18
CA GLU A 1035 -13.74 -8.55 8.80
C GLU A 1035 -12.95 -9.29 7.74
N THR A 1036 -11.82 -9.83 8.18
CA THR A 1036 -10.93 -10.64 7.33
C THR A 1036 -10.62 -11.89 8.12
N ALA A 1037 -10.70 -13.05 7.47
CA ALA A 1037 -10.40 -14.33 8.12
C ALA A 1037 -9.51 -15.14 7.21
N ALA A 1038 -8.82 -16.11 7.78
CA ALA A 1038 -7.99 -16.99 6.98
C ALA A 1038 -8.39 -18.41 7.30
N TYR A 1039 -8.33 -19.23 6.26
CA TYR A 1039 -8.65 -20.64 6.38
C TYR A 1039 -7.60 -21.45 5.69
N VAL A 1040 -7.34 -22.64 6.20
CA VAL A 1040 -6.44 -23.59 5.53
C VAL A 1040 -7.20 -24.89 5.36
N SER A 1041 -7.32 -25.33 4.12
CA SER A 1041 -7.93 -26.63 3.84
C SER A 1041 -6.82 -27.63 3.62
N SER A 1042 -7.00 -28.86 4.16
CA SER A 1042 -6.01 -29.92 4.03
C SER A 1042 -6.65 -31.01 3.16
N HIS A 1043 -5.85 -31.59 2.27
CA HIS A 1043 -6.37 -32.54 1.28
C HIS A 1043 -5.45 -33.74 1.20
N SER A 1044 -6.07 -34.92 1.16
CA SER A 1044 -5.30 -36.13 0.96
C SER A 1044 -4.84 -36.20 -0.48
N SER A 1045 -3.54 -36.47 -0.67
CA SER A 1045 -2.95 -36.44 -2.00
C SER A 1045 -2.01 -37.62 -2.22
ZN ZN B . 13.97 3.80 8.25
C1 MRD C . 12.95 21.45 17.89
C2 MRD C . 13.38 20.02 17.61
O2 MRD C . 12.20 19.19 17.70
CM MRD C . 13.93 19.93 16.18
C3 MRD C . 14.40 19.66 18.70
C4 MRD C . 15.04 18.27 18.67
O4 MRD C . 15.51 17.96 19.99
C5 MRD C . 16.19 18.20 17.66
C1 GOX D . 16.25 7.67 8.48
N1 GOX D . 17.33 7.61 9.22
C2 GOX D . 15.35 6.48 8.24
N5 GOX D . 15.88 8.86 7.90
O7 GOX D . 18.04 8.77 9.34
O2 GOX D . 15.94 5.24 8.60
C3 GOX D . 14.95 6.47 6.77
O3 GOX D . 14.16 5.29 6.59
C4 GOX D . 14.06 7.70 6.54
O4 GOX D . 13.72 7.82 5.17
C5 GOX D . 14.73 9.03 6.96
C6 GOX D . 13.69 9.99 7.51
O6 GOX D . 14.38 11.22 7.85
#